data_5TTW
#
_entry.id   5TTW
#
_cell.length_a   176.486
_cell.length_b   56.212
_cell.length_c   76.687
_cell.angle_alpha   90.000
_cell.angle_beta   105.330
_cell.angle_gamma   90.000
#
_symmetry.space_group_name_H-M   'C 1 2 1'
#
loop_
_entity.id
_entity.type
_entity.pdbx_description
1 polymer 'Polycomb protein EED'
2 polymer UNC4859
3 non-polymer 'SULFATE ION'
4 non-polymer 'UNKNOWN ATOM OR ION'
5 water water
#
loop_
_entity_poly.entity_id
_entity_poly.type
_entity_poly.pdbx_seq_one_letter_code
_entity_poly.pdbx_strand_id
1 'polypeptide(L)'
;GKKCKYSFKCVNSLKEDHNQPLFGVQFNWHSKEGDPLVFATVGSNRVTLYECHSQGEIRLLQSYVDADADENFYTCAWTY
DSNTSHPLLAVAGSRGIIRIINPITMQCIKHYVGHGNAINELKFHPRDPNLLLSVSKDHALRLWNIQTDTLVAIFGGVEG
HRDEVLSADYDLLGEKIMSCGMDHSLKLWRINSKRMMNAIKESYDYNPNKTNRPFISQKIHFPDFSTRDIHRNYVDCVRW
LGDLILSKSCENAIVCWKPGKMEDDIDKIKPSESNVTILGRFDYSQCDIWYMRFSMDFWQKMLALGNQVGKLYVWDLEVE
DPHKAKCTTLTHHKCGAAIRQTSFSRDSSILIAVCDDASIWRWDRLR
;
A,C
2 'polypeptide(L)' PS(M3L)F(NLW) B,D
#
loop_
_chem_comp.id
_chem_comp.type
_chem_comp.name
_chem_comp.formula
SO4 non-polymer 'SULFATE ION' 'O4 S -2'
UNX non-polymer 'UNKNOWN ATOM OR ION' ?
#
# COMPACT_ATOMS: atom_id res chain seq x y z
N LYS A 5 28.12 0.18 0.57
CA LYS A 5 28.85 -1.06 1.02
C LYS A 5 29.22 -1.93 -0.20
N TYR A 6 28.20 -2.30 -0.98
CA TYR A 6 28.37 -3.14 -2.17
C TYR A 6 28.51 -2.25 -3.41
N SER A 7 29.63 -2.40 -4.12
CA SER A 7 29.88 -1.68 -5.33
C SER A 7 30.25 -2.68 -6.48
N PHE A 8 29.64 -2.41 -7.62
CA PHE A 8 29.73 -3.24 -8.80
C PHE A 8 30.12 -2.35 -9.96
N LYS A 9 30.69 -2.94 -10.98
CA LYS A 9 31.02 -2.21 -12.18
C LYS A 9 30.44 -2.97 -13.36
N CYS A 10 29.96 -2.26 -14.39
CA CYS A 10 29.42 -2.89 -15.56
C CYS A 10 30.59 -3.22 -16.46
N VAL A 11 30.82 -4.53 -16.70
CA VAL A 11 31.90 -5.00 -17.51
C VAL A 11 31.54 -5.47 -18.91
N ASN A 12 30.25 -5.65 -19.26
CA ASN A 12 29.93 -6.14 -20.57
C ASN A 12 28.43 -6.20 -20.75
N SER A 13 28.00 -6.25 -22.01
N SER A 13 28.01 -6.30 -21.99
CA SER A 13 26.62 -6.45 -22.38
CA SER A 13 26.64 -6.54 -22.34
C SER A 13 26.57 -7.16 -23.71
C SER A 13 26.61 -7.23 -23.67
N LEU A 14 25.50 -7.89 -23.95
CA LEU A 14 25.27 -8.67 -25.17
C LEU A 14 23.78 -8.57 -25.51
N LYS A 15 23.43 -8.71 -26.76
CA LYS A 15 21.99 -8.78 -27.10
C LYS A 15 21.72 -10.07 -27.85
N GLU A 16 20.68 -10.81 -27.46
CA GLU A 16 20.24 -11.98 -28.23
C GLU A 16 19.53 -11.64 -29.58
N ASP A 17 19.61 -12.49 -30.61
CA ASP A 17 19.17 -12.05 -31.95
C ASP A 17 17.65 -12.06 -32.21
N HIS A 18 16.85 -12.51 -31.26
CA HIS A 18 15.41 -12.65 -31.48
C HIS A 18 14.64 -11.32 -31.22
N ASN A 19 15.27 -10.38 -30.52
CA ASN A 19 14.65 -9.09 -30.18
C ASN A 19 13.35 -9.13 -29.36
N GLN A 20 13.09 -10.19 -28.61
CA GLN A 20 11.94 -10.34 -27.75
C GLN A 20 12.42 -10.20 -26.33
N PRO A 21 11.52 -9.92 -25.40
CA PRO A 21 11.95 -9.81 -24.02
C PRO A 21 12.60 -11.09 -23.46
N LEU A 22 13.66 -10.89 -22.70
CA LEU A 22 14.22 -11.89 -21.81
C LEU A 22 13.47 -11.78 -20.48
N PHE A 23 12.57 -12.72 -20.24
CA PHE A 23 11.75 -12.67 -19.03
C PHE A 23 12.41 -13.27 -17.80
N GLY A 24 13.42 -14.09 -18.00
CA GLY A 24 13.99 -14.79 -16.86
C GLY A 24 15.44 -14.99 -17.00
N VAL A 25 16.12 -14.97 -15.85
CA VAL A 25 17.57 -15.37 -15.79
C VAL A 25 17.91 -16.05 -14.48
N GLN A 26 18.73 -17.09 -14.54
CA GLN A 26 19.21 -17.80 -13.35
C GLN A 26 20.62 -18.31 -13.55
N PHE A 27 21.51 -17.95 -12.63
CA PHE A 27 22.73 -18.70 -12.43
C PHE A 27 22.49 -20.14 -11.94
N ASN A 28 23.29 -21.06 -12.46
CA ASN A 28 23.30 -22.46 -11.91
C ASN A 28 24.13 -22.54 -10.63
N TRP A 29 23.45 -22.51 -9.50
CA TRP A 29 24.10 -22.70 -8.24
C TRP A 29 24.26 -24.20 -7.99
N HIS A 30 23.77 -25.08 -8.87
CA HIS A 30 23.95 -26.53 -8.69
C HIS A 30 25.15 -27.04 -9.48
N SER A 31 26.00 -26.14 -9.99
CA SER A 31 27.24 -26.52 -10.64
C SER A 31 28.11 -27.11 -9.57
N LYS A 32 29.12 -27.84 -10.00
CA LYS A 32 30.23 -28.26 -9.13
C LYS A 32 31.28 -27.11 -9.08
N GLU A 33 31.85 -26.89 -7.89
CA GLU A 33 33.01 -25.99 -7.70
C GLU A 33 34.21 -26.31 -8.61
N GLY A 34 34.83 -25.31 -9.19
CA GLY A 34 35.74 -25.54 -10.30
C GLY A 34 35.05 -25.25 -11.62
N ASP A 35 33.79 -25.65 -11.80
CA ASP A 35 33.10 -25.47 -13.10
C ASP A 35 33.05 -23.97 -13.44
N PRO A 36 33.09 -23.63 -14.74
CA PRO A 36 32.78 -22.25 -15.06
C PRO A 36 31.35 -21.83 -14.63
N LEU A 37 31.23 -20.55 -14.31
CA LEU A 37 30.00 -19.93 -13.86
C LEU A 37 29.07 -19.79 -15.03
N VAL A 38 27.94 -20.51 -14.98
N VAL A 38 27.89 -20.38 -14.92
CA VAL A 38 26.98 -20.56 -16.07
CA VAL A 38 27.00 -20.48 -16.03
C VAL A 38 25.66 -19.95 -15.63
C VAL A 38 25.61 -20.03 -15.66
N PHE A 39 24.97 -19.25 -16.54
CA PHE A 39 23.60 -18.85 -16.31
C PHE A 39 22.75 -19.14 -17.54
N ALA A 40 21.45 -19.25 -17.30
CA ALA A 40 20.45 -19.47 -18.33
C ALA A 40 19.60 -18.23 -18.44
N THR A 41 19.19 -17.93 -19.68
CA THR A 41 18.19 -16.92 -20.00
C THR A 41 17.04 -17.57 -20.77
N VAL A 42 15.81 -17.05 -20.58
CA VAL A 42 14.60 -17.52 -21.31
C VAL A 42 13.89 -16.32 -21.88
N GLY A 43 13.51 -16.46 -23.15
CA GLY A 43 12.65 -15.51 -23.82
C GLY A 43 12.39 -16.07 -25.20
N SER A 44 11.46 -15.47 -25.93
CA SER A 44 11.05 -16.01 -27.21
C SER A 44 10.71 -17.50 -26.94
N ASN A 45 11.01 -18.41 -27.85
CA ASN A 45 10.91 -19.84 -27.64
C ASN A 45 12.27 -20.52 -27.36
N ARG A 46 13.14 -19.80 -26.66
CA ARG A 46 14.53 -20.20 -26.53
C ARG A 46 14.91 -20.30 -25.02
N VAL A 47 15.85 -21.16 -24.74
CA VAL A 47 16.60 -21.15 -23.51
C VAL A 47 18.04 -21.14 -23.86
N THR A 48 18.81 -20.19 -23.33
CA THR A 48 20.24 -20.09 -23.74
C THR A 48 21.14 -20.18 -22.54
N LEU A 49 22.24 -20.95 -22.63
CA LEU A 49 23.27 -21.03 -21.57
C LEU A 49 24.51 -20.21 -21.95
N TYR A 50 25.02 -19.45 -20.98
CA TYR A 50 26.21 -18.64 -21.14
C TYR A 50 27.19 -18.97 -20.02
N GLU A 51 28.47 -18.79 -20.29
CA GLU A 51 29.54 -18.87 -19.23
C GLU A 51 30.20 -17.59 -19.01
N CYS A 52 30.47 -17.22 -17.75
CA CYS A 52 31.19 -15.98 -17.47
C CYS A 52 32.69 -16.22 -17.45
N HIS A 53 33.43 -15.47 -18.26
CA HIS A 53 34.89 -15.61 -18.28
C HIS A 53 35.57 -14.31 -17.96
N SER A 54 36.91 -14.36 -17.98
CA SER A 54 37.71 -13.22 -17.60
C SER A 54 37.57 -12.12 -18.64
N GLN A 55 38.01 -10.94 -18.21
CA GLN A 55 37.90 -9.72 -18.99
C GLN A 55 36.40 -9.42 -19.34
N GLY A 56 35.47 -9.81 -18.46
CA GLY A 56 34.05 -9.58 -18.72
C GLY A 56 33.33 -10.41 -19.77
N GLU A 57 33.96 -11.45 -20.27
CA GLU A 57 33.38 -12.18 -21.38
C GLU A 57 32.09 -12.92 -20.96
N ILE A 58 31.05 -12.76 -21.79
CA ILE A 58 29.82 -13.52 -21.66
C ILE A 58 29.84 -14.41 -22.89
N ARG A 59 30.20 -15.68 -22.72
CA ARG A 59 30.44 -16.58 -23.80
C ARG A 59 29.21 -17.45 -23.99
N LEU A 60 28.59 -17.34 -25.17
CA LEU A 60 27.52 -18.22 -25.59
C LEU A 60 27.96 -19.68 -25.57
N LEU A 61 27.19 -20.56 -24.94
CA LEU A 61 27.55 -21.96 -24.91
C LEU A 61 26.71 -22.74 -25.88
N GLN A 62 25.41 -22.76 -25.66
CA GLN A 62 24.52 -23.61 -26.42
C GLN A 62 23.06 -23.23 -26.08
N SER A 63 22.13 -23.64 -26.93
N SER A 63 22.14 -23.59 -26.97
CA SER A 63 20.75 -23.23 -26.72
CA SER A 63 20.74 -23.19 -26.84
C SER A 63 19.77 -24.30 -27.12
C SER A 63 19.81 -24.39 -27.03
N TYR A 64 18.59 -24.28 -26.49
CA TYR A 64 17.43 -25.09 -26.88
C TYR A 64 16.40 -24.16 -27.50
N VAL A 65 15.92 -24.54 -28.67
CA VAL A 65 14.86 -23.82 -29.34
C VAL A 65 13.67 -24.78 -29.45
N ASP A 66 12.55 -24.36 -28.90
CA ASP A 66 11.39 -25.19 -28.91
C ASP A 66 10.89 -25.37 -30.37
N ALA A 67 10.46 -26.58 -30.68
CA ALA A 67 9.95 -26.86 -32.00
C ALA A 67 8.66 -26.10 -32.28
N ASP A 68 7.90 -25.81 -31.24
CA ASP A 68 6.74 -24.92 -31.33
C ASP A 68 7.22 -23.48 -31.49
N ALA A 69 6.96 -22.91 -32.67
CA ALA A 69 7.45 -21.59 -32.97
C ALA A 69 6.76 -20.51 -32.08
N ASP A 70 5.56 -20.78 -31.59
CA ASP A 70 4.76 -19.81 -30.83
C ASP A 70 4.72 -20.07 -29.29
N GLU A 71 5.49 -21.03 -28.80
CA GLU A 71 5.82 -21.09 -27.35
C GLU A 71 6.57 -19.81 -26.93
N ASN A 72 6.39 -19.36 -25.70
CA ASN A 72 7.17 -18.24 -25.20
C ASN A 72 7.50 -18.60 -23.76
N PHE A 73 8.77 -18.84 -23.53
CA PHE A 73 9.23 -19.21 -22.19
C PHE A 73 9.32 -17.95 -21.31
N TYR A 74 8.83 -18.08 -20.07
CA TYR A 74 8.81 -16.99 -19.09
C TYR A 74 9.74 -17.15 -17.90
N THR A 75 10.05 -18.39 -17.58
CA THR A 75 10.66 -18.68 -16.28
C THR A 75 11.52 -19.95 -16.45
N CYS A 76 12.61 -20.05 -15.65
CA CYS A 76 13.38 -21.27 -15.57
C CYS A 76 13.88 -21.43 -14.12
N ALA A 77 14.29 -22.66 -13.80
CA ALA A 77 14.87 -23.00 -12.55
C ALA A 77 15.76 -24.22 -12.67
N TRP A 78 16.91 -24.22 -12.01
CA TRP A 78 17.85 -25.33 -12.02
C TRP A 78 17.69 -26.33 -10.85
N THR A 79 18.05 -27.56 -11.13
CA THR A 79 18.12 -28.58 -10.10
C THR A 79 19.17 -29.61 -10.45
N TYR A 80 19.25 -30.65 -9.63
CA TYR A 80 20.03 -31.87 -9.92
C TYR A 80 19.18 -32.96 -10.57
N ASP A 81 19.78 -33.68 -11.51
CA ASP A 81 19.23 -34.95 -11.99
C ASP A 81 19.53 -35.97 -10.95
N SER A 82 18.48 -36.53 -10.38
CA SER A 82 18.59 -37.57 -9.35
C SER A 82 19.27 -38.86 -9.89
N ASN A 83 19.08 -39.16 -11.17
N ASN A 83 19.10 -39.15 -11.18
CA ASN A 83 19.73 -40.32 -11.78
CA ASN A 83 19.67 -40.34 -11.82
C ASN A 83 21.26 -40.18 -11.81
C ASN A 83 21.19 -40.23 -12.07
N THR A 84 21.74 -39.01 -12.22
CA THR A 84 23.17 -38.79 -12.58
C THR A 84 23.98 -37.85 -11.71
N SER A 85 23.29 -37.05 -10.91
CA SER A 85 23.88 -35.92 -10.13
C SER A 85 24.17 -34.66 -10.90
N HIS A 86 24.02 -34.68 -12.23
CA HIS A 86 24.38 -33.46 -12.99
C HIS A 86 23.13 -32.54 -13.00
N PRO A 87 23.32 -31.26 -13.30
CA PRO A 87 22.22 -30.27 -13.34
C PRO A 87 21.16 -30.53 -14.40
N LEU A 88 19.94 -30.09 -14.05
CA LEU A 88 18.85 -30.03 -15.03
C LEU A 88 18.23 -28.60 -14.97
N LEU A 89 17.53 -28.23 -16.05
CA LEU A 89 16.98 -26.92 -16.16
C LEU A 89 15.48 -27.00 -16.53
N ALA A 90 14.55 -26.66 -15.63
CA ALA A 90 13.15 -26.64 -15.94
C ALA A 90 12.78 -25.29 -16.55
N VAL A 91 11.99 -25.29 -17.63
CA VAL A 91 11.52 -24.09 -18.26
C VAL A 91 10.02 -24.16 -18.48
N ALA A 92 9.36 -23.04 -18.58
CA ALA A 92 7.90 -23.00 -18.91
C ALA A 92 7.48 -21.61 -19.29
N GLY A 93 6.32 -21.51 -19.90
CA GLY A 93 5.78 -20.25 -20.24
C GLY A 93 4.37 -20.26 -20.76
N SER A 94 4.21 -19.57 -21.89
N SER A 94 4.14 -19.54 -21.87
CA SER A 94 2.92 -19.30 -22.50
CA SER A 94 2.79 -19.28 -22.37
C SER A 94 2.04 -20.54 -22.72
C SER A 94 2.00 -20.57 -22.69
N ARG A 95 2.66 -21.64 -23.13
CA ARG A 95 1.93 -22.88 -23.45
C ARG A 95 1.48 -23.66 -22.27
N GLY A 96 1.96 -23.32 -21.07
CA GLY A 96 1.53 -24.09 -19.90
C GLY A 96 2.07 -25.50 -19.78
N ILE A 97 3.18 -25.79 -20.45
CA ILE A 97 3.88 -27.08 -20.46
C ILE A 97 5.27 -26.86 -19.78
N ILE A 98 5.54 -27.64 -18.76
CA ILE A 98 6.83 -27.67 -18.13
C ILE A 98 7.71 -28.57 -18.94
N ARG A 99 8.86 -28.07 -19.33
CA ARG A 99 9.86 -28.86 -20.06
C ARG A 99 11.11 -28.95 -19.21
N ILE A 100 11.63 -30.16 -19.06
CA ILE A 100 12.87 -30.35 -18.30
C ILE A 100 13.96 -30.54 -19.32
N ILE A 101 14.88 -29.57 -19.39
CA ILE A 101 15.98 -29.56 -20.38
C ILE A 101 17.18 -30.19 -19.69
N ASN A 102 17.82 -31.12 -20.37
CA ASN A 102 19.09 -31.63 -19.94
C ASN A 102 20.16 -30.72 -20.53
N PRO A 103 20.82 -29.86 -19.71
CA PRO A 103 21.73 -28.80 -20.21
C PRO A 103 22.98 -29.32 -20.82
N ILE A 104 23.22 -30.63 -20.66
CA ILE A 104 24.31 -31.36 -21.27
C ILE A 104 24.05 -31.45 -22.74
N THR A 105 22.93 -32.05 -23.11
CA THR A 105 22.55 -32.23 -24.51
C THR A 105 21.64 -31.16 -25.10
N MET A 106 21.15 -30.26 -24.27
CA MET A 106 20.13 -29.30 -24.62
C MET A 106 18.93 -29.90 -25.32
N GLN A 107 18.49 -31.08 -24.88
CA GLN A 107 17.25 -31.70 -25.31
C GLN A 107 16.33 -31.69 -24.12
N CYS A 108 15.05 -31.71 -24.49
CA CYS A 108 13.94 -31.89 -23.54
C CYS A 108 13.82 -33.35 -23.21
N ILE A 109 13.98 -33.72 -21.94
CA ILE A 109 13.89 -35.11 -21.51
C ILE A 109 12.59 -35.52 -20.80
N LYS A 110 11.84 -34.53 -20.30
CA LYS A 110 10.54 -34.80 -19.69
C LYS A 110 9.72 -33.54 -19.94
N HIS A 111 8.40 -33.73 -20.00
CA HIS A 111 7.52 -32.58 -20.03
C HIS A 111 6.24 -32.91 -19.33
N TYR A 112 5.63 -31.87 -18.77
CA TYR A 112 4.46 -32.07 -17.90
C TYR A 112 3.39 -31.15 -18.37
N VAL A 113 2.31 -31.75 -18.79
CA VAL A 113 1.09 -31.08 -19.16
C VAL A 113 0.15 -31.20 -17.93
N GLY A 114 -0.57 -30.17 -17.67
CA GLY A 114 -1.61 -30.28 -16.64
C GLY A 114 -2.28 -28.98 -16.32
N HIS A 115 -1.47 -27.95 -16.13
CA HIS A 115 -2.03 -26.62 -15.99
C HIS A 115 -2.99 -26.21 -17.17
N GLY A 116 -4.03 -25.45 -16.78
CA GLY A 116 -5.03 -24.83 -17.73
C GLY A 116 -4.57 -23.64 -18.56
N ASN A 117 -3.45 -23.01 -18.19
CA ASN A 117 -2.87 -21.97 -19.03
C ASN A 117 -1.37 -21.72 -18.69
N ALA A 118 -0.91 -20.53 -19.05
CA ALA A 118 0.49 -20.16 -18.94
C ALA A 118 1.05 -20.46 -17.55
N ILE A 119 2.29 -20.86 -17.51
CA ILE A 119 3.02 -20.99 -16.25
C ILE A 119 3.88 -19.72 -16.02
N ASN A 120 3.66 -19.08 -14.85
CA ASN A 120 4.38 -17.82 -14.50
C ASN A 120 5.63 -17.92 -13.68
N GLU A 121 5.76 -19.00 -12.90
N GLU A 121 5.78 -19.04 -12.96
CA GLU A 121 7.01 -19.23 -12.16
CA GLU A 121 6.98 -19.24 -12.14
C GLU A 121 7.20 -20.71 -11.83
C GLU A 121 7.20 -20.72 -11.84
N LEU A 122 8.47 -21.09 -11.75
CA LEU A 122 8.91 -22.45 -11.35
C LEU A 122 9.91 -22.34 -10.24
N LYS A 123 9.82 -23.21 -9.18
CA LYS A 123 10.78 -23.19 -8.10
C LYS A 123 11.06 -24.62 -7.67
N PHE A 124 12.32 -24.92 -7.32
CA PHE A 124 12.65 -26.20 -6.70
C PHE A 124 12.71 -26.13 -5.23
N HIS A 125 12.28 -27.19 -4.60
CA HIS A 125 12.29 -27.36 -3.10
C HIS A 125 13.72 -27.32 -2.59
N PRO A 126 13.95 -26.60 -1.50
CA PRO A 126 15.34 -26.40 -1.04
C PRO A 126 16.05 -27.67 -0.48
N ARG A 127 15.34 -28.68 -0.01
CA ARG A 127 15.89 -29.89 0.53
C ARG A 127 15.82 -31.03 -0.49
N ASP A 128 14.84 -31.04 -1.39
CA ASP A 128 14.59 -32.13 -2.28
C ASP A 128 14.59 -31.64 -3.75
N PRO A 129 15.68 -31.87 -4.52
CA PRO A 129 15.74 -31.39 -5.86
C PRO A 129 14.77 -32.02 -6.85
N ASN A 130 14.05 -33.08 -6.47
CA ASN A 130 13.03 -33.59 -7.33
C ASN A 130 11.73 -32.88 -7.26
N LEU A 131 11.54 -32.00 -6.26
CA LEU A 131 10.21 -31.48 -6.03
C LEU A 131 10.09 -30.08 -6.70
N LEU A 132 9.34 -30.03 -7.76
CA LEU A 132 9.15 -28.79 -8.57
C LEU A 132 7.79 -28.20 -8.29
N LEU A 133 7.76 -26.90 -8.00
CA LEU A 133 6.56 -26.14 -7.80
C LEU A 133 6.35 -25.28 -9.03
N SER A 134 5.15 -25.31 -9.58
CA SER A 134 4.77 -24.43 -10.70
C SER A 134 3.56 -23.62 -10.32
N VAL A 135 3.46 -22.38 -10.81
CA VAL A 135 2.31 -21.53 -10.57
C VAL A 135 1.80 -20.93 -11.87
N SER A 136 0.48 -20.78 -11.92
CA SER A 136 -0.19 -20.72 -13.20
C SER A 136 -1.27 -19.67 -13.30
N LYS A 137 -1.46 -19.22 -14.54
CA LYS A 137 -2.57 -18.38 -14.94
C LYS A 137 -3.91 -19.07 -14.65
N ASP A 138 -3.96 -20.40 -14.51
CA ASP A 138 -5.21 -21.11 -14.15
C ASP A 138 -5.66 -20.96 -12.67
N HIS A 139 -4.92 -20.21 -11.87
CA HIS A 139 -5.23 -19.91 -10.46
C HIS A 139 -4.67 -20.90 -9.46
N ALA A 140 -3.91 -21.88 -9.92
CA ALA A 140 -3.38 -22.93 -9.06
C ALA A 140 -1.89 -23.02 -9.02
N LEU A 141 -1.38 -23.61 -7.91
CA LEU A 141 0.04 -24.04 -7.85
C LEU A 141 0.03 -25.57 -7.94
N ARG A 142 1.05 -26.14 -8.57
N ARG A 142 1.04 -26.15 -8.56
CA ARG A 142 1.20 -27.60 -8.54
CA ARG A 142 1.15 -27.62 -8.62
C ARG A 142 2.58 -28.00 -8.05
C ARG A 142 2.55 -28.04 -8.13
N LEU A 143 2.63 -29.12 -7.31
CA LEU A 143 3.88 -29.72 -6.83
C LEU A 143 4.11 -31.06 -7.53
N TRP A 144 5.24 -31.17 -8.21
CA TRP A 144 5.58 -32.34 -9.01
C TRP A 144 6.81 -33.04 -8.43
N ASN A 145 6.89 -34.36 -8.63
CA ASN A 145 8.07 -35.12 -8.34
C ASN A 145 8.61 -35.48 -9.71
N ILE A 146 9.75 -34.84 -10.10
CA ILE A 146 10.27 -35.08 -11.45
C ILE A 146 11.15 -36.35 -11.59
N GLN A 147 11.33 -37.06 -10.50
CA GLN A 147 11.95 -38.37 -10.58
C GLN A 147 10.92 -39.42 -11.03
N THR A 148 9.75 -39.48 -10.41
CA THR A 148 8.71 -40.37 -10.86
C THR A 148 7.65 -39.80 -11.71
N ASP A 149 7.79 -38.53 -12.15
CA ASP A 149 6.90 -37.86 -13.11
C ASP A 149 5.46 -37.84 -12.57
N THR A 150 5.34 -37.59 -11.28
CA THR A 150 4.09 -37.56 -10.62
C THR A 150 3.65 -36.12 -10.17
N LEU A 151 2.35 -35.84 -10.25
CA LEU A 151 1.73 -34.67 -9.64
C LEU A 151 1.38 -35.02 -8.20
N VAL A 152 2.08 -34.44 -7.25
CA VAL A 152 1.92 -34.75 -5.85
C VAL A 152 0.75 -33.98 -5.27
N ALA A 153 0.58 -32.70 -5.66
CA ALA A 153 -0.42 -31.81 -4.98
C ALA A 153 -0.82 -30.69 -5.88
N ILE A 154 -2.10 -30.29 -5.74
CA ILE A 154 -2.64 -29.11 -6.36
C ILE A 154 -3.17 -28.20 -5.25
N PHE A 155 -2.74 -26.95 -5.26
CA PHE A 155 -3.04 -25.95 -4.24
C PHE A 155 -3.92 -24.90 -4.90
N GLY A 156 -5.20 -24.95 -4.56
CA GLY A 156 -6.18 -24.12 -5.30
C GLY A 156 -7.60 -24.54 -5.00
N GLY A 157 -8.51 -23.67 -5.38
CA GLY A 157 -9.95 -23.95 -5.29
C GLY A 157 -10.59 -23.00 -4.29
N VAL A 158 -11.18 -23.53 -3.24
CA VAL A 158 -12.18 -22.78 -2.46
C VAL A 158 -11.55 -21.45 -1.94
N GLU A 159 -10.42 -21.58 -1.29
CA GLU A 159 -9.72 -20.41 -0.77
C GLU A 159 -8.40 -20.24 -1.45
N GLY A 160 -8.31 -20.78 -2.65
CA GLY A 160 -7.19 -20.58 -3.51
C GLY A 160 -7.27 -19.23 -4.14
N HIS A 161 -6.24 -18.93 -4.90
CA HIS A 161 -6.22 -17.71 -5.63
C HIS A 161 -7.44 -17.64 -6.53
N ARG A 162 -7.89 -16.42 -6.76
CA ARG A 162 -9.02 -16.17 -7.62
C ARG A 162 -8.65 -15.55 -8.93
N ASP A 163 -7.35 -15.44 -9.23
CA ASP A 163 -6.88 -14.90 -10.50
C ASP A 163 -5.48 -15.49 -10.69
N GLU A 164 -4.74 -15.10 -11.72
CA GLU A 164 -3.48 -15.76 -12.02
C GLU A 164 -2.56 -15.75 -10.82
N VAL A 165 -1.87 -16.86 -10.63
CA VAL A 165 -0.77 -16.93 -9.67
C VAL A 165 0.49 -16.50 -10.38
N LEU A 166 1.19 -15.55 -9.77
CA LEU A 166 2.35 -14.91 -10.43
C LEU A 166 3.73 -15.33 -9.90
N SER A 167 3.78 -15.63 -8.60
CA SER A 167 5.02 -16.01 -7.97
C SER A 167 4.76 -16.88 -6.76
N ALA A 168 5.79 -17.61 -6.36
CA ALA A 168 5.79 -18.34 -5.10
C ALA A 168 7.20 -18.62 -4.62
N ASP A 169 7.33 -18.96 -3.34
CA ASP A 169 8.66 -19.35 -2.82
C ASP A 169 8.50 -20.32 -1.70
N TYR A 170 9.41 -21.29 -1.63
CA TYR A 170 9.51 -22.10 -0.45
C TYR A 170 10.32 -21.36 0.59
N ASP A 171 10.00 -21.56 1.84
CA ASP A 171 10.91 -21.16 2.90
C ASP A 171 12.25 -21.96 2.93
N LEU A 172 13.17 -21.56 3.78
CA LEU A 172 14.49 -22.20 3.77
C LEU A 172 14.42 -23.68 4.08
N LEU A 173 13.54 -24.04 5.01
CA LEU A 173 13.41 -25.38 5.50
C LEU A 173 12.62 -26.27 4.50
N GLY A 174 11.97 -25.67 3.50
CA GLY A 174 11.01 -26.37 2.62
C GLY A 174 9.81 -26.97 3.36
N GLU A 175 9.39 -26.30 4.42
CA GLU A 175 8.21 -26.68 5.19
C GLU A 175 6.95 -25.96 4.76
N LYS A 176 7.08 -24.84 4.00
CA LYS A 176 5.89 -24.06 3.69
C LYS A 176 6.17 -23.24 2.40
N ILE A 177 5.10 -22.82 1.75
CA ILE A 177 5.15 -22.06 0.49
C ILE A 177 4.36 -20.77 0.71
N MET A 178 4.86 -19.62 0.24
CA MET A 178 4.05 -18.44 0.12
C MET A 178 3.85 -18.20 -1.37
N SER A 179 2.60 -18.01 -1.77
CA SER A 179 2.26 -17.68 -3.16
C SER A 179 1.65 -16.30 -3.26
N CYS A 180 1.55 -15.75 -4.48
CA CYS A 180 0.92 -14.44 -4.67
C CYS A 180 0.50 -14.25 -6.07
N GLY A 181 -0.42 -13.30 -6.28
CA GLY A 181 -0.92 -13.09 -7.63
C GLY A 181 -1.80 -11.88 -7.92
N MET A 182 -2.52 -12.03 -9.00
CA MET A 182 -3.37 -10.96 -9.55
C MET A 182 -4.56 -10.57 -8.72
N ASP A 183 -4.93 -11.44 -7.82
CA ASP A 183 -5.97 -11.12 -6.83
C ASP A 183 -5.50 -10.32 -5.61
N HIS A 184 -4.27 -9.78 -5.71
N HIS A 184 -4.23 -9.91 -5.63
CA HIS A 184 -3.54 -9.00 -4.64
CA HIS A 184 -3.63 -9.05 -4.58
C HIS A 184 -3.57 -9.68 -3.30
C HIS A 184 -3.40 -9.83 -3.30
N SER A 185 -3.48 -11.01 -3.37
N SER A 185 -3.63 -11.14 -3.35
CA SER A 185 -3.42 -11.85 -2.18
CA SER A 185 -3.56 -12.03 -2.17
C SER A 185 -2.04 -12.48 -2.05
C SER A 185 -2.16 -12.65 -2.03
N LEU A 186 -1.67 -12.77 -0.80
CA LEU A 186 -0.56 -13.67 -0.47
C LEU A 186 -1.10 -14.81 0.37
N LYS A 187 -0.68 -16.03 0.03
CA LYS A 187 -1.26 -17.23 0.60
C LYS A 187 -0.15 -18.19 1.01
N LEU A 188 -0.30 -18.68 2.24
CA LEU A 188 0.65 -19.55 2.84
C LEU A 188 0.14 -20.97 2.85
N TRP A 189 0.95 -21.92 2.39
CA TRP A 189 0.50 -23.30 2.27
C TRP A 189 1.54 -24.14 2.93
N ARG A 190 1.20 -24.82 4.02
CA ARG A 190 2.21 -25.67 4.71
C ARG A 190 2.34 -26.99 3.97
N ILE A 191 3.55 -27.53 3.89
CA ILE A 191 3.80 -28.81 3.21
C ILE A 191 4.60 -29.78 4.11
N ASN A 192 4.58 -29.54 5.42
CA ASN A 192 5.25 -30.41 6.41
C ASN A 192 4.24 -31.16 7.30
N SER A 193 2.98 -31.21 6.91
CA SER A 193 1.99 -32.07 7.61
C SER A 193 2.34 -33.55 7.45
N LYS A 194 1.87 -34.39 8.38
CA LYS A 194 1.89 -35.81 8.15
C LYS A 194 1.34 -36.24 6.77
N ARG A 195 0.17 -35.74 6.35
CA ARG A 195 -0.40 -36.09 5.09
C ARG A 195 0.55 -35.71 3.95
N MET A 196 1.07 -34.48 3.96
CA MET A 196 1.89 -34.08 2.85
C MET A 196 3.23 -34.79 2.81
N MET A 197 3.87 -35.00 3.95
N MET A 197 3.88 -35.00 3.95
CA MET A 197 5.09 -35.81 3.96
CA MET A 197 5.08 -35.85 4.01
C MET A 197 4.86 -37.28 3.50
C MET A 197 4.85 -37.27 3.48
N ASN A 198 3.73 -37.88 3.86
CA ASN A 198 3.34 -39.21 3.38
C ASN A 198 3.12 -39.21 1.88
N ALA A 199 2.50 -38.15 1.38
CA ALA A 199 2.22 -38.05 -0.03
C ALA A 199 3.53 -37.99 -0.86
N ILE A 200 4.47 -37.19 -0.37
CA ILE A 200 5.79 -37.12 -1.00
C ILE A 200 6.49 -38.48 -0.94
N LYS A 201 6.45 -39.14 0.22
CA LYS A 201 7.02 -40.54 0.32
C LYS A 201 6.38 -41.48 -0.70
N GLU A 202 5.06 -41.44 -0.80
CA GLU A 202 4.37 -42.33 -1.74
C GLU A 202 4.79 -41.98 -3.17
N SER A 203 5.05 -40.70 -3.44
CA SER A 203 5.37 -40.32 -4.83
C SER A 203 6.66 -41.03 -5.27
N TYR A 204 7.55 -41.27 -4.34
CA TYR A 204 8.80 -42.01 -4.67
C TYR A 204 8.55 -43.51 -4.90
N ASP A 205 7.61 -44.06 -4.13
CA ASP A 205 7.18 -45.47 -4.25
C ASP A 205 6.38 -45.83 -5.52
N TYR A 206 6.04 -44.86 -6.35
CA TYR A 206 5.16 -45.08 -7.42
C TYR A 206 5.90 -45.52 -8.64
N ASN A 207 5.45 -46.62 -9.26
CA ASN A 207 5.99 -47.03 -10.57
C ASN A 207 4.87 -47.60 -11.49
N PRO A 208 4.47 -46.85 -12.53
CA PRO A 208 3.33 -47.36 -13.33
C PRO A 208 3.53 -48.72 -14.05
N ASN A 209 4.76 -49.24 -14.04
CA ASN A 209 5.04 -50.57 -14.55
C ASN A 209 4.64 -51.67 -13.63
N LYS A 210 4.47 -51.38 -12.35
CA LYS A 210 4.10 -52.42 -11.37
C LYS A 210 2.67 -52.32 -10.84
N THR A 211 1.85 -51.52 -11.50
CA THR A 211 0.51 -51.27 -10.96
C THR A 211 -0.27 -50.53 -12.02
N ASN A 212 -1.60 -50.61 -11.88
CA ASN A 212 -2.53 -49.89 -12.73
C ASN A 212 -3.20 -48.68 -11.99
N ARG A 213 -2.92 -48.48 -10.70
CA ARG A 213 -3.44 -47.30 -10.01
C ARG A 213 -2.82 -46.05 -10.61
N PRO A 214 -3.58 -44.97 -10.69
CA PRO A 214 -2.87 -43.73 -10.99
C PRO A 214 -2.21 -43.24 -9.66
N PHE A 215 -1.36 -42.21 -9.70
CA PHE A 215 -0.87 -41.67 -8.49
C PHE A 215 -1.87 -40.65 -7.97
N ILE A 216 -2.32 -40.81 -6.75
CA ILE A 216 -3.35 -39.86 -6.21
C ILE A 216 -2.71 -38.52 -5.74
N SER A 217 -3.10 -37.39 -6.36
N SER A 217 -3.12 -37.39 -6.35
CA SER A 217 -2.67 -36.07 -5.97
CA SER A 217 -2.65 -36.08 -5.97
C SER A 217 -3.44 -35.60 -4.76
C SER A 217 -3.43 -35.58 -4.78
N GLN A 218 -2.77 -34.89 -3.88
CA GLN A 218 -3.47 -34.09 -2.82
C GLN A 218 -4.16 -32.84 -3.42
N LYS A 219 -5.37 -32.54 -2.99
CA LYS A 219 -6.05 -31.33 -3.40
C LYS A 219 -6.21 -30.49 -2.14
N ILE A 220 -5.42 -29.43 -2.07
CA ILE A 220 -5.39 -28.55 -0.94
C ILE A 220 -6.20 -27.32 -1.31
N HIS A 221 -7.37 -27.16 -0.70
CA HIS A 221 -8.26 -26.04 -0.96
C HIS A 221 -8.07 -24.82 -0.06
N PHE A 222 -7.42 -25.00 1.07
CA PHE A 222 -7.34 -24.00 2.11
C PHE A 222 -5.95 -23.70 2.49
N PRO A 223 -5.49 -22.47 2.18
CA PRO A 223 -4.22 -22.07 2.71
C PRO A 223 -4.33 -22.00 4.25
N ASP A 224 -3.22 -22.06 4.89
CA ASP A 224 -3.09 -21.94 6.31
C ASP A 224 -3.12 -20.47 6.76
N PHE A 225 -2.89 -19.55 5.82
CA PHE A 225 -3.04 -18.10 6.08
C PHE A 225 -3.24 -17.43 4.74
N SER A 226 -4.07 -16.37 4.69
CA SER A 226 -4.28 -15.57 3.52
C SER A 226 -4.40 -14.07 3.88
N THR A 227 -3.80 -13.21 3.05
CA THR A 227 -4.00 -11.73 3.26
C THR A 227 -4.08 -10.99 1.95
N ARG A 228 -4.99 -10.02 1.90
CA ARG A 228 -5.10 -9.09 0.84
C ARG A 228 -4.73 -7.67 1.30
N ASP A 229 -4.16 -7.57 2.48
CA ASP A 229 -3.92 -6.27 3.13
C ASP A 229 -2.47 -5.73 3.01
N ILE A 230 -1.62 -6.34 2.19
CA ILE A 230 -0.26 -5.86 2.10
C ILE A 230 -0.14 -4.92 0.88
N HIS A 231 -0.69 -5.33 -0.27
CA HIS A 231 -0.62 -4.59 -1.50
C HIS A 231 -2.03 -4.41 -2.06
N ARG A 232 -2.18 -3.44 -2.92
CA ARG A 232 -3.51 -3.15 -3.47
C ARG A 232 -3.67 -3.72 -4.87
N ASN A 233 -2.56 -3.86 -5.60
CA ASN A 233 -2.63 -4.30 -6.99
C ASN A 233 -1.89 -5.68 -7.17
N TYR A 234 -1.62 -6.07 -8.43
CA TYR A 234 -1.02 -7.39 -8.74
C TYR A 234 0.26 -7.57 -7.95
N VAL A 235 0.37 -8.68 -7.21
CA VAL A 235 1.56 -9.06 -6.49
C VAL A 235 2.37 -10.08 -7.31
N ASP A 236 3.54 -9.65 -7.79
CA ASP A 236 4.29 -10.37 -8.78
C ASP A 236 5.63 -10.97 -8.38
N CYS A 237 5.96 -10.91 -7.11
CA CYS A 237 7.19 -11.47 -6.63
C CYS A 237 7.21 -11.57 -5.13
N VAL A 238 7.43 -12.81 -4.65
CA VAL A 238 7.47 -13.09 -3.22
C VAL A 238 8.72 -13.89 -2.87
N ARG A 239 9.28 -13.65 -1.70
N ARG A 239 9.29 -13.58 -1.72
CA ARG A 239 10.46 -14.38 -1.26
CA ARG A 239 10.42 -14.31 -1.16
C ARG A 239 10.52 -14.36 0.27
C ARG A 239 10.29 -14.39 0.34
N TRP A 240 10.65 -15.55 0.88
CA TRP A 240 10.82 -15.63 2.34
C TRP A 240 12.14 -14.99 2.74
N LEU A 241 12.16 -14.31 3.87
CA LEU A 241 13.39 -13.88 4.54
C LEU A 241 13.31 -14.43 5.91
N GLY A 242 13.76 -15.68 6.09
CA GLY A 242 13.58 -16.38 7.37
C GLY A 242 12.11 -16.62 7.63
N ASP A 243 11.61 -16.17 8.76
CA ASP A 243 10.16 -16.20 9.03
C ASP A 243 9.38 -14.97 8.48
N LEU A 244 10.06 -14.02 7.86
CA LEU A 244 9.41 -12.79 7.35
C LEU A 244 9.19 -13.02 5.87
N ILE A 245 8.40 -12.17 5.24
CA ILE A 245 8.17 -12.17 3.80
C ILE A 245 8.62 -10.81 3.20
N LEU A 246 9.24 -10.89 2.04
CA LEU A 246 9.45 -9.80 1.17
C LEU A 246 8.50 -9.97 -0.02
N SER A 247 7.68 -8.96 -0.34
CA SER A 247 6.87 -9.04 -1.54
C SER A 247 6.68 -7.66 -2.17
N LYS A 248 6.37 -7.64 -3.48
CA LYS A 248 6.13 -6.40 -4.21
C LYS A 248 4.97 -6.52 -5.13
N SER A 249 4.42 -5.35 -5.42
CA SER A 249 3.37 -5.17 -6.35
C SER A 249 3.91 -4.23 -7.41
N CYS A 250 3.01 -3.46 -8.01
N CYS A 250 3.06 -3.48 -8.07
CA CYS A 250 3.37 -2.41 -8.97
CA CYS A 250 3.57 -2.46 -8.96
C CYS A 250 3.38 -1.00 -8.36
C CYS A 250 3.37 -1.04 -8.37
N GLU A 251 3.64 -0.89 -7.06
CA GLU A 251 3.50 0.35 -6.30
C GLU A 251 4.83 0.90 -5.81
N ASN A 252 5.93 0.42 -6.40
CA ASN A 252 7.28 0.91 -6.14
C ASN A 252 7.82 0.72 -4.72
N ALA A 253 7.51 -0.42 -4.10
CA ALA A 253 8.11 -0.78 -2.87
C ALA A 253 8.10 -2.28 -2.74
N ILE A 254 9.11 -2.78 -2.05
CA ILE A 254 9.10 -4.14 -1.57
C ILE A 254 8.79 -4.06 -0.08
N VAL A 255 7.71 -4.68 0.34
CA VAL A 255 7.25 -4.68 1.76
C VAL A 255 7.80 -5.92 2.49
N CYS A 256 8.34 -5.71 3.68
CA CYS A 256 8.83 -6.74 4.58
C CYS A 256 7.78 -6.82 5.70
N TRP A 257 7.20 -8.00 5.83
CA TRP A 257 6.01 -8.22 6.67
C TRP A 257 5.97 -9.67 7.21
N LYS A 258 5.11 -9.90 8.19
CA LYS A 258 4.86 -11.25 8.72
C LYS A 258 3.39 -11.42 9.04
N PRO A 259 2.88 -12.66 8.88
CA PRO A 259 1.50 -12.93 9.33
C PRO A 259 1.39 -12.81 10.81
N GLY A 260 0.25 -12.42 11.32
CA GLY A 260 0.13 -12.23 12.78
C GLY A 260 0.53 -10.84 13.28
N LYS A 261 0.61 -10.72 14.60
CA LYS A 261 1.10 -9.51 15.27
C LYS A 261 2.60 -9.64 15.46
N MET A 262 3.26 -8.58 15.93
CA MET A 262 4.75 -8.60 16.10
C MET A 262 5.35 -9.86 16.79
N GLU A 263 4.87 -10.19 17.99
C GLU A 263 5.01 -13.05 18.07
N ASP A 264 4.08 -13.03 17.11
CA ASP A 264 3.41 -14.26 16.70
C ASP A 264 4.34 -15.20 15.94
N ASP A 265 4.46 -16.45 16.46
CA ASP A 265 5.23 -17.54 15.83
C ASP A 265 4.59 -17.92 14.48
N ILE A 266 5.37 -17.83 13.40
CA ILE A 266 4.94 -18.32 12.05
C ILE A 266 4.25 -19.68 12.11
N ASP A 267 4.68 -20.60 13.00
CA ASP A 267 4.11 -21.98 12.99
C ASP A 267 2.84 -22.20 13.80
N LYS A 268 2.43 -21.21 14.60
CA LYS A 268 1.11 -21.27 15.23
C LYS A 268 0.05 -20.54 14.38
N ILE A 269 0.45 -19.96 13.22
CA ILE A 269 -0.49 -19.19 12.42
C ILE A 269 -1.53 -20.14 11.77
N LYS A 270 -2.79 -19.79 12.00
CA LYS A 270 -3.98 -20.49 11.49
C LYS A 270 -4.74 -19.61 10.51
N PRO A 271 -5.67 -20.21 9.74
CA PRO A 271 -6.39 -19.40 8.72
C PRO A 271 -7.30 -18.27 9.25
N SER A 272 -7.79 -18.40 10.50
CA SER A 272 -8.56 -17.32 11.16
C SER A 272 -7.73 -16.06 11.53
N GLU A 273 -6.39 -16.10 11.36
CA GLU A 273 -5.58 -14.92 11.65
C GLU A 273 -6.06 -13.80 10.72
N SER A 274 -6.58 -12.80 11.40
CA SER A 274 -7.14 -11.63 10.79
C SER A 274 -6.00 -10.65 10.37
N ASN A 275 -4.81 -10.65 11.03
CA ASN A 275 -3.78 -9.58 10.76
C ASN A 275 -2.33 -9.87 10.33
N VAL A 276 -1.64 -8.79 9.97
CA VAL A 276 -0.27 -8.78 9.53
C VAL A 276 0.47 -7.65 10.20
N THR A 277 1.76 -7.87 10.35
CA THR A 277 2.69 -6.84 10.82
C THR A 277 3.69 -6.42 9.73
N ILE A 278 3.80 -5.12 9.46
N ILE A 278 3.83 -5.11 9.47
CA ILE A 278 4.80 -4.60 8.56
CA ILE A 278 4.76 -4.58 8.48
C ILE A 278 6.02 -4.16 9.41
C ILE A 278 6.03 -4.07 9.20
N LEU A 279 7.18 -4.61 8.96
N LEU A 279 7.15 -4.68 8.87
CA LEU A 279 8.43 -4.27 9.63
CA LEU A 279 8.42 -4.38 9.55
C LEU A 279 9.23 -3.23 8.88
C LEU A 279 9.18 -3.26 8.87
N GLY A 280 9.00 -3.08 7.57
CA GLY A 280 9.78 -2.14 6.82
C GLY A 280 9.38 -2.17 5.35
N ARG A 281 10.04 -1.31 4.58
CA ARG A 281 9.80 -1.19 3.15
C ARG A 281 11.12 -0.82 2.45
N PHE A 282 11.28 -1.20 1.18
CA PHE A 282 12.42 -0.82 0.39
C PHE A 282 11.81 -0.07 -0.76
N ASP A 283 11.94 1.26 -0.79
CA ASP A 283 11.32 2.11 -1.78
C ASP A 283 12.28 2.36 -2.96
N TYR A 284 11.70 2.58 -4.12
CA TYR A 284 12.42 2.80 -5.39
C TYR A 284 11.42 3.51 -6.32
N SER A 285 11.74 3.60 -7.61
N SER A 285 11.76 3.64 -7.61
CA SER A 285 10.91 4.29 -8.59
CA SER A 285 10.90 4.34 -8.56
C SER A 285 10.78 3.51 -9.87
C SER A 285 10.80 3.56 -9.87
N GLN A 286 9.81 3.93 -10.68
CA GLN A 286 9.70 3.53 -12.09
C GLN A 286 9.75 1.98 -12.26
N CYS A 287 8.95 1.31 -11.44
CA CYS A 287 8.74 -0.13 -11.60
C CYS A 287 7.26 -0.40 -11.41
N ASP A 288 6.47 0.15 -12.31
CA ASP A 288 5.05 0.00 -12.16
C ASP A 288 4.31 -0.86 -13.20
N ILE A 289 5.06 -1.49 -14.08
CA ILE A 289 4.51 -2.56 -14.85
C ILE A 289 4.69 -3.86 -14.07
N TRP A 290 3.87 -4.85 -14.33
CA TRP A 290 4.00 -6.12 -13.58
C TRP A 290 4.86 -7.13 -14.33
N TYR A 291 5.26 -8.15 -13.59
CA TYR A 291 6.20 -9.21 -14.06
C TYR A 291 7.60 -8.60 -14.09
N MET A 292 8.01 -8.17 -12.89
CA MET A 292 9.29 -7.55 -12.62
C MET A 292 9.79 -8.12 -11.32
N ARG A 293 10.86 -8.92 -11.39
CA ARG A 293 11.23 -9.75 -10.20
C ARG A 293 12.51 -9.37 -9.58
N PHE A 294 12.52 -9.34 -8.26
CA PHE A 294 13.76 -9.13 -7.53
C PHE A 294 14.41 -10.48 -7.26
N SER A 295 15.71 -10.47 -6.97
N SER A 295 15.67 -10.46 -6.85
CA SER A 295 16.40 -11.68 -6.50
CA SER A 295 16.41 -11.70 -6.54
C SER A 295 17.19 -11.34 -5.24
C SER A 295 17.41 -11.38 -5.45
N MET A 296 17.77 -12.38 -4.66
CA MET A 296 18.74 -12.21 -3.58
C MET A 296 19.98 -13.01 -3.82
N ASP A 297 21.07 -12.64 -3.16
CA ASP A 297 22.28 -13.48 -3.22
C ASP A 297 22.05 -14.79 -2.44
N PHE A 298 23.01 -15.68 -2.53
CA PHE A 298 22.94 -17.02 -1.88
C PHE A 298 22.70 -16.90 -0.36
N TRP A 299 23.36 -15.92 0.26
CA TRP A 299 23.26 -15.70 1.72
C TRP A 299 22.10 -14.87 2.18
N GLN A 300 21.36 -14.34 1.25
CA GLN A 300 20.25 -13.44 1.51
C GLN A 300 20.75 -12.21 2.33
N LYS A 301 21.93 -11.77 2.02
CA LYS A 301 22.40 -10.47 2.54
C LYS A 301 22.12 -9.27 1.67
N MET A 302 21.86 -9.49 0.38
N MET A 302 21.81 -9.54 0.39
CA MET A 302 21.56 -8.39 -0.54
CA MET A 302 21.62 -8.51 -0.65
C MET A 302 20.41 -8.72 -1.49
C MET A 302 20.29 -8.76 -1.38
N LEU A 303 19.70 -7.68 -1.87
CA LEU A 303 18.47 -7.75 -2.59
C LEU A 303 18.66 -6.86 -3.83
N ALA A 304 18.42 -7.42 -5.02
CA ALA A 304 18.57 -6.68 -6.26
C ALA A 304 17.27 -6.67 -7.08
N LEU A 305 16.91 -5.50 -7.58
CA LEU A 305 15.77 -5.35 -8.44
C LEU A 305 16.07 -4.34 -9.55
N GLY A 306 15.76 -4.74 -10.77
CA GLY A 306 15.80 -3.77 -11.93
C GLY A 306 14.45 -3.07 -12.11
N ASN A 307 14.43 -1.86 -12.72
CA ASN A 307 13.15 -1.18 -12.94
C ASN A 307 12.95 -1.04 -14.42
N GLN A 308 11.84 -0.41 -14.78
CA GLN A 308 11.47 -0.39 -16.17
C GLN A 308 12.30 0.59 -17.04
N VAL A 309 13.18 1.40 -16.44
CA VAL A 309 14.10 2.25 -17.21
C VAL A 309 15.54 1.86 -17.18
N GLY A 310 15.85 0.66 -16.70
CA GLY A 310 17.20 0.13 -16.76
C GLY A 310 18.07 0.37 -15.56
N LYS A 311 17.50 0.84 -14.47
CA LYS A 311 18.27 1.07 -13.24
C LYS A 311 18.19 -0.21 -12.45
N LEU A 312 19.25 -0.48 -11.71
CA LEU A 312 19.36 -1.74 -10.94
C LEU A 312 19.62 -1.33 -9.54
N TYR A 313 18.71 -1.63 -8.64
CA TYR A 313 18.91 -1.30 -7.24
C TYR A 313 19.46 -2.52 -6.51
N VAL A 314 20.46 -2.30 -5.66
CA VAL A 314 20.94 -3.28 -4.75
C VAL A 314 20.97 -2.81 -3.27
N TRP A 315 20.21 -3.47 -2.39
CA TRP A 315 20.12 -3.10 -0.98
C TRP A 315 20.94 -4.05 -0.12
N ASP A 316 21.66 -3.50 0.87
CA ASP A 316 22.35 -4.30 1.85
C ASP A 316 21.32 -4.52 2.95
N LEU A 317 20.88 -5.75 3.11
CA LEU A 317 19.91 -6.09 4.15
C LEU A 317 20.55 -6.40 5.52
N GLU A 318 21.85 -6.15 5.69
CA GLU A 318 22.49 -6.56 6.94
C GLU A 318 22.35 -5.46 7.96
N VAL A 319 21.12 -5.35 8.46
CA VAL A 319 20.71 -4.20 9.29
C VAL A 319 19.66 -4.67 10.30
N GLU A 320 19.92 -4.36 11.56
N ASP A 321 16.48 -3.65 11.55
CA ASP A 321 15.61 -2.55 11.14
C ASP A 321 15.72 -2.22 9.64
N PRO A 322 14.77 -2.75 8.82
CA PRO A 322 14.73 -2.51 7.35
C PRO A 322 14.60 -1.05 6.92
N HIS A 323 13.98 -0.22 7.79
CA HIS A 323 13.88 1.26 7.56
C HIS A 323 15.26 1.83 7.17
N LYS A 324 16.30 1.36 7.87
CA LYS A 324 17.70 1.80 7.72
C LYS A 324 18.55 1.16 6.59
N ALA A 325 17.97 0.34 5.71
CA ALA A 325 18.80 -0.41 4.73
C ALA A 325 19.41 0.49 3.66
N LYS A 326 20.70 0.32 3.40
CA LYS A 326 21.42 1.20 2.44
C LYS A 326 21.24 0.66 1.03
N CYS A 327 21.18 1.55 0.03
CA CYS A 327 20.94 1.15 -1.33
C CYS A 327 21.99 1.69 -2.31
N THR A 328 22.58 0.82 -3.13
CA THR A 328 23.42 1.19 -4.27
C THR A 328 22.59 1.19 -5.57
N THR A 329 22.67 2.26 -6.35
CA THR A 329 21.97 2.35 -7.64
C THR A 329 22.99 2.15 -8.76
N LEU A 330 22.76 1.18 -9.64
CA LEU A 330 23.70 0.84 -10.67
C LEU A 330 23.07 1.22 -12.01
N THR A 331 23.73 2.12 -12.74
CA THR A 331 23.26 2.48 -14.08
C THR A 331 24.36 2.46 -15.11
N HIS A 332 23.98 2.34 -16.35
CA HIS A 332 24.92 2.49 -17.47
C HIS A 332 24.15 3.34 -18.52
N HIS A 333 24.83 4.31 -19.14
CA HIS A 333 24.18 5.17 -20.18
C HIS A 333 23.51 4.45 -21.35
N LYS A 334 23.89 3.21 -21.64
CA LYS A 334 23.27 2.42 -22.71
C LYS A 334 22.22 1.41 -22.21
N CYS A 335 22.00 1.35 -20.91
CA CYS A 335 21.02 0.34 -20.39
C CYS A 335 19.72 1.11 -20.02
N GLY A 336 18.80 1.16 -20.98
CA GLY A 336 17.60 1.95 -20.80
C GLY A 336 16.32 1.16 -20.90
N ALA A 337 16.43 -0.13 -21.26
CA ALA A 337 15.25 -0.98 -21.43
C ALA A 337 14.85 -1.65 -20.08
N ALA A 338 13.59 -2.03 -19.94
CA ALA A 338 13.07 -2.62 -18.70
C ALA A 338 13.85 -3.92 -18.30
N ILE A 339 14.26 -3.97 -17.05
CA ILE A 339 14.96 -5.17 -16.55
C ILE A 339 13.86 -6.06 -15.94
N ARG A 340 13.71 -7.28 -16.45
CA ARG A 340 12.71 -8.26 -15.93
C ARG A 340 13.13 -9.09 -14.75
N GLN A 341 14.42 -9.41 -14.69
CA GLN A 341 14.93 -10.27 -13.59
C GLN A 341 16.45 -10.12 -13.52
N THR A 342 16.99 -10.39 -12.32
CA THR A 342 18.40 -10.36 -12.05
C THR A 342 18.77 -11.70 -11.44
N SER A 343 20.06 -11.99 -11.44
CA SER A 343 20.57 -13.18 -10.76
C SER A 343 21.99 -12.98 -10.34
N PHE A 344 22.31 -13.33 -9.10
CA PHE A 344 23.69 -13.31 -8.63
C PHE A 344 24.35 -14.70 -8.86
N SER A 345 25.66 -14.72 -9.14
CA SER A 345 26.41 -15.95 -9.10
C SER A 345 26.41 -16.46 -7.68
N ARG A 346 26.67 -17.76 -7.56
CA ARG A 346 26.65 -18.43 -6.25
C ARG A 346 27.62 -17.80 -5.23
N ASP A 347 28.78 -17.38 -5.72
CA ASP A 347 29.74 -16.72 -4.83
C ASP A 347 29.54 -15.22 -4.74
N SER A 348 28.48 -14.70 -5.32
CA SER A 348 28.12 -13.28 -5.27
C SER A 348 29.04 -12.31 -6.02
N SER A 349 29.97 -12.81 -6.83
CA SER A 349 30.93 -11.97 -7.50
C SER A 349 30.38 -11.31 -8.77
N ILE A 350 29.29 -11.84 -9.32
CA ILE A 350 28.71 -11.40 -10.59
C ILE A 350 27.17 -11.24 -10.38
N LEU A 351 26.63 -10.21 -10.99
CA LEU A 351 25.18 -9.92 -11.01
C LEU A 351 24.80 -9.69 -12.49
N ILE A 352 23.89 -10.47 -13.00
CA ILE A 352 23.41 -10.36 -14.37
C ILE A 352 21.98 -9.83 -14.33
N ALA A 353 21.69 -8.95 -15.27
CA ALA A 353 20.36 -8.38 -15.50
C ALA A 353 19.98 -8.62 -16.93
N VAL A 354 18.72 -8.97 -17.13
CA VAL A 354 18.19 -9.17 -18.50
C VAL A 354 17.01 -8.29 -18.76
N CYS A 355 16.83 -7.91 -20.06
CA CYS A 355 15.97 -6.81 -20.42
C CYS A 355 14.94 -7.12 -21.52
N ASP A 356 13.97 -6.23 -21.63
CA ASP A 356 12.93 -6.33 -22.66
C ASP A 356 13.40 -6.24 -24.09
N ASP A 357 14.58 -5.66 -24.29
CA ASP A 357 15.15 -5.57 -25.65
C ASP A 357 16.13 -6.74 -25.93
N ALA A 358 16.04 -7.82 -25.12
CA ALA A 358 16.84 -9.00 -25.31
C ALA A 358 18.32 -8.80 -24.97
N SER A 359 18.64 -7.76 -24.20
CA SER A 359 19.99 -7.50 -23.78
C SER A 359 20.26 -8.11 -22.39
N ILE A 360 21.53 -8.39 -22.18
CA ILE A 360 22.07 -9.05 -20.97
C ILE A 360 23.19 -8.18 -20.45
N TRP A 361 23.18 -7.86 -19.15
CA TRP A 361 24.11 -6.90 -18.56
C TRP A 361 24.88 -7.55 -17.41
N ARG A 362 26.22 -7.48 -17.46
CA ARG A 362 27.10 -8.14 -16.51
C ARG A 362 27.76 -7.14 -15.60
N TRP A 363 27.48 -7.30 -14.30
CA TRP A 363 28.02 -6.41 -13.29
C TRP A 363 28.94 -7.21 -12.35
N ASP A 364 30.22 -6.80 -12.22
CA ASP A 364 31.17 -7.53 -11.36
C ASP A 364 31.41 -6.75 -10.08
N ARG A 365 31.43 -7.47 -8.97
CA ARG A 365 31.70 -6.90 -7.69
C ARG A 365 33.14 -6.32 -7.66
N LEU A 366 33.30 -5.09 -7.18
CA LEU A 366 34.64 -4.50 -6.97
C LEU A 366 35.14 -4.91 -5.59
N PRO B 1 -3.04 -3.58 -14.10
CA PRO B 1 -2.02 -2.69 -14.62
C PRO B 1 -1.49 -3.32 -15.85
N SER B 2 -0.34 -2.89 -16.33
CA SER B 2 0.16 -3.35 -17.59
C SER B 2 1.44 -4.20 -17.40
N M3L B 3 1.63 -5.21 -18.20
CA M3L B 3 2.88 -6.03 -18.19
CB M3L B 3 2.65 -7.40 -18.83
CG M3L B 3 3.82 -8.37 -18.67
CD M3L B 3 3.38 -9.82 -18.97
CE M3L B 3 4.60 -10.74 -18.87
NZ M3L B 3 4.37 -12.15 -19.29
C M3L B 3 3.93 -5.34 -19.03
O M3L B 3 5.12 -5.56 -18.82
CM1 M3L B 3 3.24 -12.76 -18.53
CM2 M3L B 3 5.61 -12.90 -19.05
CM3 M3L B 3 4.06 -12.31 -20.73
N PHE B 4 3.50 -4.51 -19.97
CA PHE B 4 4.41 -3.93 -20.98
C PHE B 4 4.53 -2.41 -20.89
CD2 NLW B 5 9.21 1.12 -20.04
CG NLW B 5 7.69 0.99 -20.19
CD1 NLW B 5 6.94 1.20 -18.88
CB NLW B 5 7.37 -0.37 -20.75
CA NLW B 5 5.92 -0.45 -21.22
N NLW B 5 5.65 -1.89 -21.31
C NLW B 5 5.75 0.26 -22.53
O NLW B 5 6.39 -0.13 -23.51
NH2 NLW B 5 4.92 1.29 -22.67
C LYS C 3 -25.79 -6.09 2.32
N CYS C 4 -25.27 -4.87 2.15
CA CYS C 4 -25.29 -3.86 3.25
C CYS C 4 -26.73 -3.44 3.65
N LYS C 5 -27.00 -3.39 4.94
CA LYS C 5 -28.36 -3.06 5.46
C LYS C 5 -28.72 -1.59 5.47
N TYR C 6 -27.78 -0.72 5.11
CA TYR C 6 -28.09 0.69 5.00
C TYR C 6 -28.47 0.96 3.58
N SER C 7 -29.62 1.59 3.37
CA SER C 7 -29.94 2.06 2.06
C SER C 7 -30.36 3.53 2.09
N PHE C 8 -30.08 4.24 0.99
CA PHE C 8 -30.33 5.64 0.89
C PHE C 8 -30.97 5.91 -0.46
N LYS C 9 -31.81 6.92 -0.50
CA LYS C 9 -32.34 7.46 -1.76
C LYS C 9 -31.87 8.92 -2.01
N CYS C 10 -31.50 9.28 -3.23
CA CYS C 10 -31.14 10.65 -3.54
C CYS C 10 -32.43 11.45 -3.68
N VAL C 11 -32.60 12.46 -2.83
CA VAL C 11 -33.84 13.24 -2.83
C VAL C 11 -33.72 14.66 -3.35
N ASN C 12 -32.50 15.22 -3.57
CA ASN C 12 -32.35 16.57 -4.08
C ASN C 12 -30.89 16.75 -4.45
N SER C 13 -30.66 17.65 -5.38
CA SER C 13 -29.38 18.28 -5.52
C SER C 13 -29.53 19.73 -5.89
N LEU C 14 -28.46 20.47 -5.68
CA LEU C 14 -28.36 21.81 -6.18
C LEU C 14 -26.92 22.24 -6.42
N LYS C 15 -26.76 23.40 -7.05
CA LYS C 15 -25.47 23.91 -7.45
C LYS C 15 -25.31 25.31 -6.88
N GLU C 16 -24.16 25.65 -6.31
CA GLU C 16 -23.87 27.01 -5.94
C GLU C 16 -23.49 27.80 -7.18
N ASP C 17 -23.83 29.07 -7.18
CA ASP C 17 -23.65 29.88 -8.40
C ASP C 17 -22.22 30.29 -8.70
N HIS C 18 -21.30 30.15 -7.76
CA HIS C 18 -19.93 30.48 -8.06
C HIS C 18 -19.29 29.46 -8.98
N ASN C 19 -19.89 28.27 -9.12
CA ASN C 19 -19.43 27.19 -10.02
C ASN C 19 -18.00 26.65 -9.77
N GLN C 20 -17.41 26.94 -8.61
CA GLN C 20 -16.11 26.38 -8.21
C GLN C 20 -16.28 25.12 -7.32
N PRO C 21 -15.20 24.37 -7.11
CA PRO C 21 -15.30 23.16 -6.30
C PRO C 21 -15.73 23.46 -4.88
N LEU C 22 -16.64 22.64 -4.39
CA LEU C 22 -16.95 22.66 -2.95
C LEU C 22 -16.01 21.64 -2.32
N PHE C 23 -15.06 22.11 -1.48
CA PHE C 23 -14.06 21.23 -0.95
C PHE C 23 -14.45 20.62 0.40
N GLY C 24 -15.40 21.22 1.07
CA GLY C 24 -15.74 20.76 2.44
C GLY C 24 -17.19 20.93 2.79
N VAL C 25 -17.68 20.06 3.65
CA VAL C 25 -19.12 20.12 4.08
C VAL C 25 -19.13 19.51 5.50
N GLN C 26 -19.90 20.11 6.38
CA GLN C 26 -20.06 19.65 7.75
C GLN C 26 -21.45 20.03 8.28
N PHE C 27 -22.18 19.02 8.77
CA PHE C 27 -23.33 19.26 9.61
C PHE C 27 -22.85 19.76 10.96
N ASN C 28 -23.67 20.62 11.53
CA ASN C 28 -23.43 21.05 12.91
C ASN C 28 -23.91 19.94 13.87
N TRP C 29 -22.99 19.24 14.50
CA TRP C 29 -23.40 18.14 15.42
C TRP C 29 -23.73 18.67 16.83
N HIS C 30 -23.52 19.96 17.07
CA HIS C 30 -23.86 20.57 18.35
C HIS C 30 -25.31 21.12 18.42
N SER C 31 -26.11 21.18 17.36
CA SER C 31 -27.47 21.77 17.49
C SER C 31 -28.39 20.82 18.28
N LYS C 32 -29.47 21.35 18.86
CA LYS C 32 -30.27 20.56 19.81
C LYS C 32 -31.20 19.62 19.03
N GLU C 33 -31.32 18.37 19.47
CA GLU C 33 -32.33 17.45 18.94
C GLU C 33 -33.67 18.19 18.84
N GLY C 34 -34.36 17.99 17.72
CA GLY C 34 -35.53 18.77 17.35
C GLY C 34 -35.30 20.09 16.62
N ASP C 35 -34.13 20.72 16.77
CA ASP C 35 -33.79 21.95 16.01
C ASP C 35 -33.52 21.62 14.53
N PRO C 36 -33.67 22.61 13.65
CA PRO C 36 -33.38 22.28 12.22
C PRO C 36 -31.95 21.70 11.97
N LEU C 37 -31.82 20.74 11.06
CA LEU C 37 -30.56 20.10 10.77
C LEU C 37 -29.81 21.03 9.82
N VAL C 38 -28.72 21.61 10.30
CA VAL C 38 -27.97 22.63 9.51
C VAL C 38 -26.61 22.10 9.10
N PHE C 39 -26.22 22.32 7.84
CA PHE C 39 -24.85 22.11 7.40
C PHE C 39 -24.23 23.32 6.72
N ALA C 40 -22.88 23.36 6.71
CA ALA C 40 -22.13 24.39 6.01
C ALA C 40 -21.37 23.76 4.88
N THR C 41 -21.18 24.53 3.82
CA THR C 41 -20.30 24.18 2.71
C THR C 41 -19.24 25.30 2.52
N VAL C 42 -18.07 24.91 2.01
CA VAL C 42 -16.97 25.86 1.74
C VAL C 42 -16.45 25.56 0.34
N GLY C 43 -16.35 26.62 -0.45
CA GLY C 43 -15.60 26.61 -1.72
C GLY C 43 -15.65 28.01 -2.29
N SER C 44 -14.96 28.26 -3.40
CA SER C 44 -14.63 29.58 -3.74
C SER C 44 -14.17 30.38 -2.51
N ASN C 45 -14.60 31.64 -2.39
CA ASN C 45 -14.29 32.46 -1.22
C ASN C 45 -15.53 32.54 -0.33
N ARG C 46 -16.29 31.44 -0.28
N ARG C 46 -16.34 31.47 -0.32
CA ARG C 46 -17.64 31.42 0.35
CA ARG C 46 -17.61 31.47 0.46
C ARG C 46 -17.82 30.30 1.36
C ARG C 46 -17.66 30.38 1.50
N VAL C 47 -18.56 30.61 2.45
CA VAL C 47 -19.05 29.64 3.40
C VAL C 47 -20.57 29.81 3.35
N THR C 48 -21.34 28.73 3.09
CA THR C 48 -22.81 28.80 2.95
C THR C 48 -23.50 27.84 3.92
N LEU C 49 -24.53 28.30 4.59
CA LEU C 49 -25.32 27.45 5.44
C LEU C 49 -26.65 27.04 4.80
N TYR C 50 -27.06 25.81 5.03
CA TYR C 50 -28.31 25.27 4.56
C TYR C 50 -29.01 24.55 5.67
N GLU C 51 -30.33 24.50 5.58
CA GLU C 51 -31.15 23.70 6.50
C GLU C 51 -31.88 22.60 5.69
N CYS C 52 -31.90 21.38 6.25
CA CYS C 52 -32.57 20.29 5.59
C CYS C 52 -34.03 20.29 6.02
N HIS C 53 -34.93 20.29 5.04
CA HIS C 53 -36.39 20.22 5.37
C HIS C 53 -37.05 19.04 4.65
N SER C 54 -38.38 18.95 4.79
CA SER C 54 -39.18 17.85 4.21
C SER C 54 -39.06 17.78 2.72
N GLN C 55 -39.33 16.58 2.18
CA GLN C 55 -39.49 16.34 0.75
C GLN C 55 -38.22 16.73 0.08
N GLY C 56 -37.11 16.44 0.78
CA GLY C 56 -35.81 16.67 0.21
C GLY C 56 -35.32 18.08 0.17
N GLU C 57 -36.11 19.02 0.67
CA GLU C 57 -35.78 20.42 0.49
C GLU C 57 -34.44 20.78 1.20
N ILE C 58 -33.59 21.52 0.49
CA ILE C 58 -32.33 22.03 1.01
C ILE C 58 -32.43 23.54 1.02
N ARG C 59 -32.77 24.12 2.15
CA ARG C 59 -33.10 25.50 2.21
C ARG C 59 -31.85 26.36 2.45
N LEU C 60 -31.57 27.30 1.57
CA LEU C 60 -30.50 28.25 1.76
C LEU C 60 -30.73 29.20 2.89
N LEU C 61 -29.79 29.28 3.85
CA LEU C 61 -29.93 30.26 4.89
C LEU C 61 -29.20 31.56 4.53
N GLN C 62 -27.88 31.61 4.74
CA GLN C 62 -27.10 32.77 4.36
C GLN C 62 -25.66 32.34 4.17
N SER C 63 -24.89 33.23 3.55
CA SER C 63 -23.50 32.95 3.29
C SER C 63 -22.64 34.06 3.76
N TYR C 64 -21.39 33.70 4.05
CA TYR C 64 -20.30 34.63 4.24
C TYR C 64 -19.48 34.64 2.93
N VAL C 65 -19.26 35.82 2.41
CA VAL C 65 -18.43 36.04 1.27
C VAL C 65 -17.22 36.86 1.70
N ASP C 66 -16.01 36.32 1.50
CA ASP C 66 -14.83 36.96 2.00
C ASP C 66 -14.55 38.28 1.22
N ALA C 67 -14.02 39.25 1.89
CA ALA C 67 -13.53 40.55 1.29
C ALA C 67 -12.46 40.28 0.22
N ASP C 68 -11.72 39.21 0.42
CA ASP C 68 -10.77 38.72 -0.56
C ASP C 68 -11.42 37.82 -1.62
N ALA C 69 -11.54 38.34 -2.86
CA ALA C 69 -12.01 37.55 -3.96
C ALA C 69 -11.18 36.34 -4.29
N ASP C 70 -9.90 36.37 -4.01
CA ASP C 70 -9.02 35.31 -4.38
C ASP C 70 -8.77 34.33 -3.22
N GLU C 71 -9.42 34.51 -2.07
CA GLU C 71 -9.39 33.47 -1.05
C GLU C 71 -10.08 32.20 -1.53
N ASN C 72 -9.58 31.03 -1.10
CA ASN C 72 -10.28 29.77 -1.45
C ASN C 72 -10.42 28.94 -0.19
N PHE C 73 -11.62 28.85 0.36
CA PHE C 73 -11.79 28.07 1.53
C PHE C 73 -11.80 26.58 1.20
N TYR C 74 -11.16 25.79 2.06
CA TYR C 74 -11.00 24.37 1.86
C TYR C 74 -11.70 23.51 2.91
N THR C 75 -11.84 24.02 4.12
CA THR C 75 -12.20 23.22 5.27
C THR C 75 -13.03 24.06 6.25
N CYS C 76 -13.90 23.38 7.02
CA CYS C 76 -14.58 24.10 8.07
C CYS C 76 -14.85 23.17 9.23
N ALA C 77 -15.17 23.77 10.36
CA ALA C 77 -15.44 22.96 11.60
C ALA C 77 -16.22 23.77 12.59
N TRP C 78 -17.26 23.13 13.13
CA TRP C 78 -18.14 23.75 14.04
C TRP C 78 -17.69 23.56 15.53
N THR C 79 -17.96 24.57 16.32
CA THR C 79 -17.81 24.45 17.76
C THR C 79 -18.86 25.33 18.48
N TYR C 80 -18.68 25.42 19.79
CA TYR C 80 -19.49 26.36 20.62
C TYR C 80 -18.52 26.94 21.70
N ASP C 81 -18.78 28.14 22.18
CA ASP C 81 -17.95 28.69 23.28
C ASP C 81 -18.17 27.93 24.61
N SER C 82 -17.12 27.53 25.33
CA SER C 82 -17.34 26.60 26.44
C SER C 82 -18.22 27.19 27.54
N ASN C 83 -18.21 28.51 27.69
CA ASN C 83 -18.93 29.19 28.75
C ASN C 83 -20.31 29.78 28.35
N THR C 84 -20.42 30.31 27.12
CA THR C 84 -21.69 30.85 26.61
C THR C 84 -22.52 29.91 25.71
N SER C 85 -21.89 28.84 25.19
CA SER C 85 -22.47 27.93 24.17
C SER C 85 -22.88 28.67 22.87
N HIS C 86 -22.36 29.85 22.61
CA HIS C 86 -22.69 30.48 21.35
C HIS C 86 -22.00 29.60 20.27
N PRO C 87 -22.71 29.27 19.18
CA PRO C 87 -22.07 28.53 18.06
C PRO C 87 -21.07 29.34 17.30
N LEU C 88 -20.02 28.66 16.82
CA LEU C 88 -18.92 29.29 16.12
C LEU C 88 -18.57 28.34 14.94
N LEU C 89 -18.27 28.94 13.78
CA LEU C 89 -17.85 28.16 12.61
C LEU C 89 -16.47 28.61 12.13
N ALA C 90 -15.46 27.75 12.22
CA ALA C 90 -14.07 28.11 11.85
C ALA C 90 -13.85 27.68 10.41
N VAL C 91 -13.26 28.53 9.58
CA VAL C 91 -13.06 28.20 8.17
C VAL C 91 -11.65 28.57 7.82
N ALA C 92 -11.07 27.86 6.85
CA ALA C 92 -9.72 28.23 6.38
C ALA C 92 -9.49 27.63 5.02
N GLY C 93 -8.42 28.10 4.38
CA GLY C 93 -8.02 27.53 3.10
C GLY C 93 -6.76 28.13 2.52
N SER C 94 -6.81 28.54 1.25
N SER C 94 -6.81 28.50 1.25
CA SER C 94 -5.59 28.93 0.46
CA SER C 94 -5.60 28.89 0.52
C SER C 94 -4.71 30.03 1.07
C SER C 94 -4.68 29.94 1.20
N ARG C 95 -5.29 30.98 1.77
CA ARG C 95 -4.57 32.08 2.35
C ARG C 95 -3.95 31.75 3.69
N GLY C 96 -4.34 30.62 4.28
CA GLY C 96 -3.75 30.19 5.53
C GLY C 96 -4.19 31.01 6.73
N ILE C 97 -5.40 31.54 6.66
CA ILE C 97 -5.95 32.35 7.72
C ILE C 97 -7.16 31.64 8.25
N ILE C 98 -7.19 31.46 9.56
CA ILE C 98 -8.41 30.85 10.20
C ILE C 98 -9.39 32.00 10.48
N ARG C 99 -10.61 31.90 9.96
CA ARG C 99 -11.66 32.86 10.26
C ARG C 99 -12.68 32.21 11.17
N ILE C 100 -13.08 32.94 12.19
CA ILE C 100 -14.14 32.50 13.15
C ILE C 100 -15.42 33.24 12.78
N ILE C 101 -16.35 32.51 12.20
CA ILE C 101 -17.65 33.03 11.77
C ILE C 101 -18.77 32.81 12.81
N ASN C 102 -19.56 33.86 13.05
CA ASN C 102 -20.79 33.75 13.81
C ASN C 102 -21.83 33.25 12.84
N PRO C 103 -22.32 31.99 13.01
CA PRO C 103 -23.24 31.43 12.00
C PRO C 103 -24.63 32.10 12.03
N ILE C 104 -24.92 32.83 13.11
CA ILE C 104 -26.17 33.58 13.18
C ILE C 104 -26.22 34.68 12.19
N THR C 105 -25.12 35.41 12.02
CA THR C 105 -25.12 36.54 11.09
C THR C 105 -24.28 36.30 9.88
N MET C 106 -23.58 35.17 9.88
CA MET C 106 -22.52 34.87 8.91
C MET C 106 -21.50 36.04 8.70
N GLN C 107 -21.07 36.62 9.79
N GLN C 107 -21.08 36.62 9.81
CA GLN C 107 -20.05 37.62 9.82
CA GLN C 107 -20.05 37.62 9.85
C GLN C 107 -18.83 37.06 10.56
C GLN C 107 -18.83 37.06 10.56
N CYS C 108 -17.65 37.46 10.09
CA CYS C 108 -16.39 37.08 10.73
C CYS C 108 -16.20 37.89 11.97
N ILE C 109 -16.13 37.20 13.13
N ILE C 109 -16.06 37.27 13.13
CA ILE C 109 -15.86 37.69 14.50
CA ILE C 109 -15.82 38.02 14.30
C ILE C 109 -14.38 37.97 14.82
C ILE C 109 -14.33 38.15 14.61
N LYS C 110 -13.49 37.16 14.26
CA LYS C 110 -12.07 37.30 14.44
C LYS C 110 -11.30 36.36 13.54
N HIS C 111 -9.99 36.58 13.45
CA HIS C 111 -9.19 35.71 12.57
C HIS C 111 -7.82 35.49 13.17
N TYR C 112 -7.17 34.41 12.74
CA TYR C 112 -5.81 34.01 13.17
C TYR C 112 -4.91 33.80 11.97
N VAL C 113 -3.85 34.60 11.93
CA VAL C 113 -2.79 34.45 10.95
C VAL C 113 -1.67 33.69 11.59
N GLY C 114 -0.63 33.41 10.81
CA GLY C 114 0.55 32.81 11.41
C GLY C 114 1.10 31.64 10.65
N HIS C 115 0.24 30.73 10.19
N HIS C 115 0.21 30.77 10.16
CA HIS C 115 0.75 29.63 9.34
CA HIS C 115 0.61 29.71 9.22
C HIS C 115 1.45 30.26 8.11
C HIS C 115 1.23 30.36 7.99
N GLY C 116 0.79 31.25 7.49
N GLY C 116 2.25 29.71 7.45
CA GLY C 116 1.37 31.90 6.32
CA GLY C 116 3.04 30.30 6.39
C GLY C 116 0.95 31.14 5.10
C GLY C 116 2.29 30.20 5.08
N ASN C 117 0.64 29.87 5.28
N ASN C 117 1.32 29.27 5.05
CA ASN C 117 0.54 29.03 4.10
CA ASN C 117 0.61 29.05 3.82
C ASN C 117 -0.77 28.28 4.19
C ASN C 117 -0.71 28.34 4.12
N ALA C 118 -1.27 27.78 3.07
CA ALA C 118 -2.60 27.15 3.06
C ALA C 118 -2.86 26.20 4.21
N ILE C 119 -4.08 26.27 4.75
CA ILE C 119 -4.52 25.35 5.77
C ILE C 119 -5.42 24.30 5.07
N ASN C 120 -5.08 23.02 5.30
CA ASN C 120 -5.74 21.90 4.66
C ASN C 120 -6.83 21.25 5.48
N GLU C 121 -6.77 21.40 6.80
N GLU C 121 -6.80 21.45 6.80
CA GLU C 121 -7.84 20.91 7.61
CA GLU C 121 -7.79 20.85 7.64
C GLU C 121 -7.85 21.62 8.96
C GLU C 121 -7.84 21.56 8.99
N LEU C 122 -9.06 21.69 9.54
CA LEU C 122 -9.33 22.18 10.90
C LEU C 122 -10.11 21.13 11.65
N LYS C 123 -9.78 20.92 12.96
CA LYS C 123 -10.59 20.04 13.80
C LYS C 123 -10.67 20.60 15.17
N PHE C 124 -11.83 20.51 15.76
CA PHE C 124 -11.93 20.85 17.19
C PHE C 124 -11.75 19.69 18.14
N HIS C 125 -11.14 19.92 19.29
CA HIS C 125 -10.91 18.91 20.33
C HIS C 125 -12.28 18.42 20.84
N PRO C 126 -12.43 17.11 21.02
CA PRO C 126 -13.74 16.57 21.36
C PRO C 126 -14.21 16.82 22.79
N ARG C 127 -13.33 17.19 23.73
CA ARG C 127 -13.73 17.53 25.09
C ARG C 127 -13.56 18.99 25.48
N ASP C 128 -12.74 19.77 24.76
CA ASP C 128 -12.58 21.22 25.04
C ASP C 128 -12.91 21.89 23.75
N PRO C 129 -14.12 22.39 23.63
CA PRO C 129 -14.54 22.99 22.37
C PRO C 129 -13.80 24.32 22.01
N ASN C 130 -12.93 24.85 22.87
CA ASN C 130 -12.13 26.04 22.53
C ASN C 130 -10.82 25.69 21.84
N LEU C 131 -10.45 24.44 21.81
CA LEU C 131 -9.13 24.01 21.26
C LEU C 131 -9.26 23.54 19.79
N LEU C 132 -8.60 24.27 18.88
CA LEU C 132 -8.73 24.12 17.45
C LEU C 132 -7.36 23.73 16.91
N LEU C 133 -7.36 22.65 16.15
CA LEU C 133 -6.15 22.23 15.44
C LEU C 133 -6.23 22.58 13.98
N SER C 134 -5.09 23.02 13.46
N SER C 134 -5.10 23.09 13.46
CA SER C 134 -4.97 23.36 12.07
CA SER C 134 -4.95 23.44 12.05
C SER C 134 -3.73 22.67 11.52
C SER C 134 -3.76 22.61 11.53
N VAL C 135 -3.80 22.23 10.26
CA VAL C 135 -2.67 21.58 9.61
C VAL C 135 -2.45 22.26 8.29
N SER C 136 -1.19 22.46 7.93
N SER C 136 -1.19 22.46 7.93
CA SER C 136 -0.84 23.42 6.87
CA SER C 136 -0.85 23.36 6.82
C SER C 136 0.22 22.95 5.87
C SER C 136 0.20 22.90 5.84
N LYS C 137 0.19 23.58 4.70
CA LYS C 137 1.20 23.49 3.67
C LYS C 137 2.58 23.90 4.13
N ASP C 138 2.70 24.59 5.27
CA ASP C 138 4.01 24.91 5.88
C ASP C 138 4.70 23.74 6.61
N HIS C 139 4.10 22.53 6.56
CA HIS C 139 4.59 21.30 7.14
C HIS C 139 4.30 21.15 8.62
N ALA C 140 3.53 22.09 9.19
CA ALA C 140 3.26 22.04 10.60
C ALA C 140 1.76 21.82 10.96
N LEU C 141 1.53 21.38 12.19
CA LEU C 141 0.22 21.54 12.86
C LEU C 141 0.29 22.56 13.95
N ARG C 142 -0.86 23.22 14.22
CA ARG C 142 -0.92 24.24 15.28
C ARG C 142 -2.17 23.98 16.10
N LEU C 143 -2.04 24.09 17.41
CA LEU C 143 -3.15 24.04 18.34
C LEU C 143 -3.40 25.47 18.83
N TRP C 144 -4.65 25.95 18.74
CA TRP C 144 -5.03 27.31 19.14
C TRP C 144 -6.10 27.24 20.21
N ASN C 145 -6.08 28.18 21.16
CA ASN C 145 -7.13 28.34 22.15
C ASN C 145 -7.96 29.55 21.61
N ILE C 146 -9.12 29.29 21.00
CA ILE C 146 -9.88 30.35 20.37
C ILE C 146 -10.67 31.17 21.43
N GLN C 147 -10.71 30.71 22.68
CA GLN C 147 -11.36 31.50 23.74
C GLN C 147 -10.41 32.62 24.22
N THR C 148 -9.11 32.36 24.35
CA THR C 148 -8.14 33.40 24.84
C THR C 148 -7.28 33.94 23.69
N ASP C 149 -7.62 33.53 22.48
CA ASP C 149 -6.91 33.98 21.29
C ASP C 149 -5.41 33.72 21.33
N THR C 150 -5.02 32.53 21.77
CA THR C 150 -3.62 32.15 21.93
C THR C 150 -3.22 30.96 21.06
N LEU C 151 -1.97 30.94 20.63
CA LEU C 151 -1.38 29.79 19.95
C LEU C 151 -0.81 28.89 21.03
N VAL C 152 -1.43 27.73 21.29
CA VAL C 152 -0.98 26.87 22.39
C VAL C 152 0.30 26.14 22.09
N ALA C 153 0.38 25.56 20.89
CA ALA C 153 1.51 24.72 20.47
C ALA C 153 1.68 24.69 18.96
N ILE C 154 2.94 24.42 18.55
CA ILE C 154 3.29 24.21 17.15
C ILE C 154 3.93 22.88 17.08
N PHE C 155 3.43 22.02 16.19
CA PHE C 155 3.94 20.62 16.06
C PHE C 155 4.69 20.49 14.73
N GLY C 156 6.03 20.45 14.80
CA GLY C 156 6.81 20.61 13.61
C GLY C 156 8.30 20.69 13.91
N GLY C 157 9.09 20.44 12.90
CA GLY C 157 10.56 20.53 13.08
C GLY C 157 11.20 19.23 12.64
N VAL C 158 12.19 18.80 13.39
CA VAL C 158 13.22 17.94 12.78
C VAL C 158 12.62 16.55 12.46
N GLU C 159 11.83 16.06 13.37
CA GLU C 159 11.00 14.91 13.09
C GLU C 159 9.54 15.18 12.84
N GLY C 160 9.21 16.41 12.47
CA GLY C 160 7.86 16.71 12.09
C GLY C 160 7.69 16.33 10.65
N HIS C 161 6.54 16.66 10.09
CA HIS C 161 6.38 16.46 8.62
C HIS C 161 7.38 17.20 7.76
N ARG C 162 7.70 16.60 6.60
CA ARG C 162 8.68 17.14 5.63
C ARG C 162 8.04 17.73 4.37
N ASP C 163 6.70 17.74 4.32
CA ASP C 163 5.95 18.27 3.22
C ASP C 163 4.56 18.62 3.79
N GLU C 164 3.67 19.06 2.94
CA GLU C 164 2.40 19.61 3.44
C GLU C 164 1.71 18.58 4.33
N VAL C 165 1.13 19.08 5.43
CA VAL C 165 0.27 18.27 6.26
C VAL C 165 -1.16 18.43 5.67
N LEU C 166 -1.83 17.30 5.42
CA LEU C 166 -3.09 17.30 4.70
C LEU C 166 -4.29 17.00 5.62
N SER C 167 -4.08 16.30 6.72
CA SER C 167 -5.20 15.89 7.61
C SER C 167 -4.75 15.59 8.99
N ALA C 168 -5.66 15.66 9.96
CA ALA C 168 -5.36 15.20 11.30
C ALA C 168 -6.65 14.90 12.02
N ASP C 169 -6.55 14.19 13.12
CA ASP C 169 -7.72 13.91 13.95
C ASP C 169 -7.30 13.64 15.40
N TYR C 170 -8.16 13.97 16.32
CA TYR C 170 -7.99 13.70 17.72
C TYR C 170 -8.60 12.36 18.04
N ASP C 171 -8.04 11.63 18.98
CA ASP C 171 -8.71 10.43 19.45
C ASP C 171 -9.94 10.74 20.28
N LEU C 172 -10.59 9.70 20.80
CA LEU C 172 -11.86 9.83 21.45
C LEU C 172 -11.86 10.91 22.56
N LEU C 173 -10.89 10.88 23.44
CA LEU C 173 -10.88 11.88 24.55
C LEU C 173 -10.01 13.07 24.25
N GLY C 174 -9.42 13.15 23.07
CA GLY C 174 -8.49 14.21 22.81
C GLY C 174 -7.23 14.11 23.66
N GLU C 175 -6.73 12.90 23.87
CA GLU C 175 -5.44 12.71 24.46
C GLU C 175 -4.31 12.74 23.46
N LYS C 176 -4.61 12.52 22.20
CA LYS C 176 -3.59 12.51 21.21
C LYS C 176 -4.13 12.78 19.81
N ILE C 177 -3.21 13.10 18.93
CA ILE C 177 -3.48 13.56 17.59
C ILE C 177 -2.69 12.67 16.64
N MET C 178 -3.32 12.25 15.53
CA MET C 178 -2.59 11.62 14.40
C MET C 178 -2.70 12.58 13.22
N SER C 179 -1.57 12.87 12.57
CA SER C 179 -1.54 13.74 11.42
C SER C 179 -0.97 12.98 10.28
N CYS C 180 -1.25 13.49 9.08
CA CYS C 180 -0.72 12.87 7.88
C CYS C 180 -0.51 13.85 6.77
N GLY C 181 0.35 13.50 5.81
CA GLY C 181 0.52 14.40 4.68
C GLY C 181 1.23 13.89 3.45
N MET C 182 1.72 14.88 2.73
CA MET C 182 2.34 14.68 1.43
C MET C 182 3.66 13.89 1.46
N ASP C 183 4.27 13.80 2.63
CA ASP C 183 5.44 12.99 2.85
C ASP C 183 5.19 11.48 3.04
N HIS C 184 3.97 11.03 2.73
N HIS C 184 3.92 11.07 2.89
CA HIS C 184 3.45 9.69 3.02
CA HIS C 184 3.44 9.69 3.00
C HIS C 184 3.67 9.20 4.46
C HIS C 184 3.45 9.23 4.46
N SER C 185 3.71 10.13 5.42
CA SER C 185 3.91 9.72 6.81
C SER C 185 2.62 9.97 7.60
N LEU C 186 2.40 9.15 8.61
CA LEU C 186 1.47 9.38 9.66
C LEU C 186 2.23 9.51 10.98
N LYS C 187 1.95 10.57 11.74
CA LYS C 187 2.61 10.92 13.00
C LYS C 187 1.62 11.06 14.15
N LEU C 188 1.97 10.50 15.30
CA LEU C 188 1.18 10.53 16.55
C LEU C 188 1.80 11.57 17.52
N TRP C 189 0.95 12.45 18.05
CA TRP C 189 1.43 13.50 18.95
C TRP C 189 0.56 13.44 20.18
N ARG C 190 1.15 13.15 21.35
CA ARG C 190 0.40 13.04 22.53
C ARG C 190 0.18 14.45 23.10
N ILE C 191 -1.05 14.76 23.50
CA ILE C 191 -1.31 16.08 24.10
C ILE C 191 -1.83 15.94 25.55
N ASN C 192 -1.71 14.75 26.12
CA ASN C 192 -1.98 14.53 27.52
C ASN C 192 -0.69 14.40 28.31
N SER C 193 0.42 14.79 27.71
CA SER C 193 1.72 14.82 28.45
C SER C 193 1.68 15.92 29.49
N LYS C 194 2.53 15.81 30.50
CA LYS C 194 2.69 16.91 31.49
C LYS C 194 2.94 18.24 30.80
N ARG C 195 3.83 18.23 29.85
CA ARG C 195 4.17 19.44 29.15
C ARG C 195 3.03 20.06 28.32
N MET C 196 2.31 19.21 27.58
CA MET C 196 1.16 19.74 26.80
C MET C 196 -0.01 20.17 27.70
N MET C 197 -0.27 19.45 28.78
N MET C 197 -0.28 19.45 28.79
N MET C 197 -0.27 19.43 28.78
CA MET C 197 -1.32 19.84 29.71
CA MET C 197 -1.35 19.86 29.72
CA MET C 197 -1.28 19.83 29.78
C MET C 197 -1.03 21.22 30.34
C MET C 197 -1.03 21.27 30.28
C MET C 197 -1.02 21.25 30.28
N ASN C 198 0.25 21.52 30.57
CA ASN C 198 0.67 22.80 31.10
C ASN C 198 0.61 23.87 30.05
N ALA C 199 0.93 23.53 28.81
CA ALA C 199 0.75 24.48 27.70
C ALA C 199 -0.70 24.90 27.54
N ILE C 200 -1.61 23.99 27.74
CA ILE C 200 -3.05 24.28 27.54
C ILE C 200 -3.48 25.18 28.75
N LYS C 201 -3.04 24.78 29.96
CA LYS C 201 -3.32 25.60 31.18
C LYS C 201 -2.80 27.02 31.00
N GLU C 202 -1.56 27.16 30.55
CA GLU C 202 -1.00 28.49 30.35
CA GLU C 202 -0.99 28.48 30.33
C GLU C 202 -1.80 29.29 29.30
N SER C 203 -2.38 28.62 28.29
CA SER C 203 -3.19 29.36 27.32
C SER C 203 -4.45 29.96 27.93
N TYR C 204 -5.03 29.29 28.92
CA TYR C 204 -6.18 29.85 29.63
C TYR C 204 -5.79 30.96 30.65
N ASP C 205 -4.56 30.90 31.20
CA ASP C 205 -4.09 31.96 32.14
C ASP C 205 -3.58 33.26 31.47
N TYR C 206 -3.23 33.22 30.20
CA TYR C 206 -2.75 34.37 29.45
C TYR C 206 -3.67 35.58 29.64
N ASN C 207 -3.09 36.70 30.03
CA ASN C 207 -3.87 37.93 30.29
C ASN C 207 -2.89 39.08 30.41
N PRO C 208 -2.71 39.86 29.30
CA PRO C 208 -1.68 40.92 29.36
C PRO C 208 -2.03 42.05 30.29
N ASN C 209 -3.29 42.13 30.76
CA ASN C 209 -3.67 43.03 31.87
C ASN C 209 -3.11 42.69 33.24
N LYS C 210 -2.97 41.41 33.53
CA LYS C 210 -2.41 40.98 34.81
C LYS C 210 -0.92 40.80 34.71
N THR C 211 -0.40 40.34 33.57
CA THR C 211 1.05 40.24 33.38
C THR C 211 1.42 40.48 31.90
N ASN C 212 2.18 41.56 31.63
CA ASN C 212 2.53 41.96 30.30
C ASN C 212 3.86 41.37 29.89
N ARG C 213 3.85 40.05 29.72
N ARG C 213 3.84 40.03 29.74
CA ARG C 213 5.03 39.29 29.27
CA ARG C 213 4.99 39.24 29.28
C ARG C 213 4.63 38.55 28.01
C ARG C 213 4.61 38.59 27.95
N PRO C 214 5.58 38.33 27.09
CA PRO C 214 5.12 37.73 25.81
C PRO C 214 4.57 36.25 26.04
N PHE C 215 3.46 35.88 25.41
CA PHE C 215 3.00 34.46 25.41
C PHE C 215 3.88 33.65 24.43
N ILE C 216 4.39 32.50 24.88
CA ILE C 216 5.32 31.70 24.07
C ILE C 216 4.67 30.34 23.88
N SER C 217 4.30 30.03 22.64
CA SER C 217 3.73 28.72 22.37
C SER C 217 4.72 27.60 22.66
N GLN C 218 4.20 26.46 23.09
CA GLN C 218 5.03 25.24 23.26
C GLN C 218 5.45 24.69 21.89
N LYS C 219 6.75 24.51 21.67
CA LYS C 219 7.22 23.88 20.42
C LYS C 219 7.40 22.40 20.60
N ILE C 220 6.72 21.58 19.81
CA ILE C 220 6.87 20.10 19.85
C ILE C 220 7.52 19.64 18.55
N HIS C 221 8.75 19.14 18.64
CA HIS C 221 9.56 18.78 17.48
C HIS C 221 9.63 17.26 17.22
N PHE C 222 9.20 16.48 18.20
CA PHE C 222 9.23 15.02 18.19
C PHE C 222 7.86 14.35 18.41
N PRO C 223 7.40 13.61 17.38
CA PRO C 223 6.20 12.78 17.55
C PRO C 223 6.47 11.61 18.41
N ASP C 224 5.43 11.08 19.02
CA ASP C 224 5.50 9.95 19.89
C ASP C 224 5.52 8.64 19.06
N PHE C 225 5.16 8.73 17.78
CA PHE C 225 5.27 7.62 16.83
C PHE C 225 5.19 8.14 15.40
N SER C 226 5.84 7.46 14.46
CA SER C 226 5.86 7.89 13.04
C SER C 226 5.95 6.62 12.21
N THR C 227 5.25 6.63 11.07
CA THR C 227 5.40 5.59 10.07
C THR C 227 5.19 6.08 8.65
N ARG C 228 5.99 5.55 7.74
CA ARG C 228 5.81 5.74 6.33
C ARG C 228 5.45 4.41 5.67
N ASP C 229 5.07 3.43 6.45
CA ASP C 229 4.81 2.06 5.90
C ASP C 229 3.38 1.64 5.64
N ILE C 230 2.43 2.57 5.74
CA ILE C 230 1.03 2.25 5.44
C ILE C 230 0.67 2.52 4.01
N HIS C 231 1.05 3.69 3.50
CA HIS C 231 0.74 4.11 2.15
C HIS C 231 1.98 4.50 1.43
N ARG C 232 1.90 4.52 0.12
CA ARG C 232 3.07 4.85 -0.70
C ARG C 232 2.95 6.22 -1.42
N ASN C 233 1.90 6.96 -1.14
CA ASN C 233 1.70 8.26 -1.74
C ASN C 233 1.04 9.23 -0.73
N TYR C 234 0.68 10.44 -1.20
CA TYR C 234 0.07 11.49 -0.34
C TYR C 234 -1.03 10.85 0.56
N VAL C 235 -0.93 11.03 1.86
CA VAL C 235 -1.96 10.57 2.75
C VAL C 235 -2.86 11.77 3.10
N ASP C 236 -4.13 11.68 2.71
CA ASP C 236 -5.01 12.86 2.67
C ASP C 236 -6.16 12.85 3.60
N CYS C 237 -6.27 11.80 4.39
CA CYS C 237 -7.37 11.73 5.33
C CYS C 237 -7.03 10.72 6.39
N VAL C 238 -7.18 11.10 7.65
CA VAL C 238 -6.96 10.20 8.77
C VAL C 238 -8.02 10.41 9.85
N ARG C 239 -8.56 9.33 10.40
CA ARG C 239 -9.52 9.38 11.51
C ARG C 239 -9.25 8.24 12.46
N TRP C 240 -9.44 8.49 13.74
CA TRP C 240 -9.43 7.45 14.73
C TRP C 240 -10.72 6.65 14.70
N LEU C 241 -10.57 5.36 14.99
CA LEU C 241 -11.71 4.47 15.18
C LEU C 241 -11.43 3.72 16.44
N GLY C 242 -11.79 4.35 17.56
CA GLY C 242 -11.34 3.88 18.85
C GLY C 242 -9.85 4.01 18.96
N ASP C 243 -9.18 2.92 19.28
CA ASP C 243 -7.72 2.88 19.33
C ASP C 243 -7.07 2.60 18.02
N LEU C 244 -7.85 2.32 16.99
CA LEU C 244 -7.34 2.05 15.65
C LEU C 244 -7.37 3.32 14.78
N ILE C 245 -6.63 3.30 13.70
CA ILE C 245 -6.56 4.40 12.74
C ILE C 245 -7.16 3.94 11.42
N LEU C 246 -8.05 4.76 10.88
CA LEU C 246 -8.36 4.70 9.41
C LEU C 246 -7.63 5.78 8.63
N SER C 247 -6.91 5.43 7.56
CA SER C 247 -6.29 6.45 6.73
C SER C 247 -6.36 6.04 5.26
N LYS C 248 -6.24 7.03 4.38
CA LYS C 248 -6.23 6.77 2.93
C LYS C 248 -5.24 7.63 2.23
N SER C 249 -4.78 7.10 1.14
CA SER C 249 -4.00 7.83 0.18
C SER C 249 -4.75 7.92 -1.14
N CYS C 250 -4.03 8.12 -2.23
N CYS C 250 -4.01 8.05 -2.24
CA CYS C 250 -4.67 8.17 -3.53
CA CYS C 250 -4.60 8.12 -3.60
C CYS C 250 -4.40 6.87 -4.26
C CYS C 250 -4.65 6.83 -4.31
N GLU C 251 -4.59 5.75 -3.55
CA GLU C 251 -4.28 4.39 -4.02
C GLU C 251 -5.48 3.44 -3.88
N ASN C 252 -6.68 4.02 -3.79
CA ASN C 252 -7.92 3.27 -3.81
C ASN C 252 -8.18 2.32 -2.67
N ALA C 253 -7.75 2.69 -1.46
CA ALA C 253 -8.05 1.90 -0.27
C ALA C 253 -8.01 2.77 0.96
N ILE C 254 -8.89 2.46 1.90
CA ILE C 254 -8.78 2.95 3.28
C ILE C 254 -8.20 1.84 4.09
N VAL C 255 -7.08 2.09 4.80
CA VAL C 255 -6.37 1.04 5.56
C VAL C 255 -6.72 1.24 7.02
N CYS C 256 -7.05 0.15 7.73
CA CYS C 256 -7.31 0.14 9.20
C CYS C 256 -6.08 -0.46 9.81
N TRP C 257 -5.41 0.28 10.73
CA TRP C 257 -4.11 -0.12 11.26
C TRP C 257 -3.90 0.43 12.66
N LYS C 258 -2.90 -0.07 13.36
CA LYS C 258 -2.49 0.49 14.66
C LYS C 258 -0.94 0.47 14.81
N PRO C 259 -0.35 1.44 15.58
CA PRO C 259 1.07 1.35 15.88
C PRO C 259 1.41 0.11 16.66
N GLY C 260 2.63 -0.38 16.42
CA GLY C 260 3.27 -1.46 17.19
C GLY C 260 3.11 -2.91 16.66
N LYS C 261 2.65 -3.79 17.58
CA LYS C 261 2.33 -5.23 17.37
C LYS C 261 0.85 -5.60 17.62
N MET C 262 0.52 -6.87 17.32
CA MET C 262 -0.84 -7.42 17.03
C MET C 262 -2.09 -6.80 17.62
N ASP C 264 0.52 -4.84 21.41
CA ASP C 264 0.89 -3.58 22.07
C ASP C 264 -0.35 -2.67 22.23
N ASP C 265 -0.73 -2.39 23.48
CA ASP C 265 -1.55 -1.20 23.83
C ASP C 265 -0.95 0.13 23.29
N ILE C 266 -1.83 1.03 22.82
CA ILE C 266 -1.45 2.34 22.22
C ILE C 266 -0.55 3.20 23.14
N ASP C 267 -0.82 3.18 24.45
CA ASP C 267 -0.04 3.95 25.44
C ASP C 267 1.30 3.27 25.92
N LYS C 268 1.59 2.04 25.49
CA LYS C 268 2.86 1.38 25.78
C LYS C 268 3.92 1.54 24.68
N ILE C 269 3.55 2.07 23.50
CA ILE C 269 4.45 2.16 22.30
C ILE C 269 5.49 3.29 22.50
N LYS C 270 6.73 3.05 22.05
CA LYS C 270 7.87 3.97 22.24
C LYS C 270 8.11 4.87 21.00
N PRO C 271 8.71 6.08 21.19
CA PRO C 271 9.04 7.03 20.08
C PRO C 271 9.74 6.42 18.86
N SER C 272 10.71 5.53 19.09
CA SER C 272 11.44 4.85 18.02
C SER C 272 10.72 3.60 17.41
N GLU C 273 9.45 3.33 17.81
CA GLU C 273 8.73 2.09 17.40
C GLU C 273 8.75 1.80 15.86
N SER C 274 9.25 0.59 15.56
CA SER C 274 9.65 0.14 14.26
C SER C 274 8.47 -0.47 13.45
N ASN C 275 7.40 -0.92 14.12
CA ASN C 275 6.33 -1.77 13.46
C ASN C 275 4.90 -1.19 13.42
N VAL C 276 4.11 -1.57 12.42
CA VAL C 276 2.64 -1.34 12.44
C VAL C 276 1.90 -2.67 12.22
N THR C 277 0.69 -2.78 12.71
CA THR C 277 -0.20 -3.90 12.44
C THR C 277 -1.38 -3.45 11.57
N ILE C 278 -1.68 -4.18 10.51
CA ILE C 278 -2.80 -3.87 9.65
C ILE C 278 -3.87 -4.80 9.98
N LEU C 279 -5.05 -4.23 10.27
CA LEU C 279 -6.21 -4.96 10.69
C LEU C 279 -7.24 -5.21 9.59
N GLY C 280 -7.25 -4.37 8.56
CA GLY C 280 -8.21 -4.48 7.48
C GLY C 280 -8.05 -3.37 6.46
N ARG C 281 -8.81 -3.45 5.37
CA ARG C 281 -8.72 -2.47 4.36
C ARG C 281 -10.05 -2.33 3.65
N PHE C 282 -10.45 -1.13 3.28
CA PHE C 282 -11.71 -0.95 2.53
C PHE C 282 -11.30 -0.52 1.12
N ASP C 283 -11.60 -1.37 0.12
CA ASP C 283 -11.22 -1.16 -1.27
C ASP C 283 -12.36 -0.58 -2.13
N TYR C 284 -12.00 0.30 -3.08
CA TYR C 284 -12.91 1.01 -4.01
C TYR C 284 -12.12 1.39 -5.31
N SER C 285 -12.74 2.18 -6.18
N SER C 285 -12.71 2.21 -6.17
CA SER C 285 -12.14 2.56 -7.46
CA SER C 285 -12.04 2.56 -7.41
C SER C 285 -12.14 4.06 -7.67
C SER C 285 -12.24 4.02 -7.77
N GLN C 286 -11.38 4.48 -8.69
CA GLN C 286 -11.45 5.80 -9.28
C GLN C 286 -11.36 6.94 -8.23
N CYS C 287 -10.38 6.81 -7.36
CA CYS C 287 -10.08 7.85 -6.34
C CYS C 287 -8.58 8.03 -6.28
N ASP C 288 -8.05 8.42 -7.43
CA ASP C 288 -6.61 8.56 -7.67
C ASP C 288 -6.10 9.98 -7.52
N ILE C 289 -7.00 10.94 -7.43
CA ILE C 289 -6.63 12.35 -7.14
C ILE C 289 -6.54 12.58 -5.62
N TRP C 290 -5.68 13.51 -5.19
CA TRP C 290 -5.59 13.87 -3.76
C TRP C 290 -6.66 14.93 -3.34
N TYR C 291 -6.84 14.96 -2.00
CA TYR C 291 -7.75 15.87 -1.30
C TYR C 291 -9.20 15.34 -1.52
N MET C 292 -9.40 14.12 -1.06
CA MET C 292 -10.63 13.37 -1.14
C MET C 292 -10.86 12.71 0.20
N ARG C 293 -11.84 13.18 0.96
CA ARG C 293 -11.96 12.80 2.37
C ARG C 293 -13.17 11.89 2.61
N PHE C 294 -12.98 10.91 3.45
CA PHE C 294 -13.98 10.06 4.00
C PHE C 294 -14.53 10.67 5.27
N SER C 295 -15.75 10.29 5.64
N SER C 295 -15.74 10.26 5.64
CA SER C 295 -16.32 10.67 6.92
CA SER C 295 -16.36 10.68 6.87
C SER C 295 -17.14 9.56 7.53
C SER C 295 -17.01 9.50 7.56
N MET C 296 -17.28 9.67 8.86
CA MET C 296 -18.00 8.66 9.67
C MET C 296 -19.19 9.37 10.30
N ASP C 297 -20.21 8.62 10.63
CA ASP C 297 -21.27 9.22 11.42
C ASP C 297 -20.87 9.32 12.91
N PHE C 298 -21.76 9.86 13.71
CA PHE C 298 -21.46 10.28 15.07
C PHE C 298 -21.00 9.12 15.92
N TRP C 299 -21.70 7.98 15.77
CA TRP C 299 -21.34 6.79 16.54
C TRP C 299 -20.42 5.84 15.81
N GLN C 300 -19.85 6.28 14.67
CA GLN C 300 -18.94 5.52 13.89
C GLN C 300 -19.47 4.09 13.58
N LYS C 301 -20.70 4.07 13.15
CA LYS C 301 -21.32 2.87 12.60
C LYS C 301 -21.27 2.83 11.11
N MET C 302 -21.04 3.98 10.45
CA MET C 302 -20.98 4.04 8.98
C MET C 302 -19.78 4.86 8.54
N LEU C 303 -19.23 4.46 7.39
CA LEU C 303 -18.08 5.18 6.75
C LEU C 303 -18.45 5.49 5.32
N ALA C 304 -18.29 6.74 4.88
CA ALA C 304 -18.71 7.16 3.57
C ALA C 304 -17.50 7.80 2.84
N LEU C 305 -17.35 7.50 1.57
CA LEU C 305 -16.31 8.11 0.73
C LEU C 305 -16.88 8.30 -0.68
N GLY C 306 -16.67 9.47 -1.28
CA GLY C 306 -16.99 9.67 -2.71
C GLY C 306 -15.71 9.57 -3.51
N ASN C 307 -15.86 9.27 -4.82
CA ASN C 307 -14.68 9.12 -5.69
C ASN C 307 -14.71 10.24 -6.77
N GLN C 308 -13.77 10.21 -7.72
CA GLN C 308 -13.60 11.26 -8.70
C GLN C 308 -14.60 11.33 -9.83
N VAL C 309 -15.48 10.37 -9.92
CA VAL C 309 -16.50 10.38 -10.96
C VAL C 309 -17.88 10.33 -10.30
N GLY C 310 -18.00 10.70 -9.04
CA GLY C 310 -19.35 10.89 -8.49
C GLY C 310 -20.04 9.72 -7.88
N LYS C 311 -19.32 8.66 -7.68
CA LYS C 311 -19.83 7.48 -6.96
C LYS C 311 -19.60 7.63 -5.43
N LEU C 312 -20.58 7.21 -4.64
CA LEU C 312 -20.51 7.33 -3.19
C LEU C 312 -20.55 5.96 -2.58
N TYR C 313 -19.55 5.61 -1.78
CA TYR C 313 -19.49 4.33 -1.12
C TYR C 313 -19.80 4.45 0.35
N VAL C 314 -20.69 3.58 0.89
CA VAL C 314 -20.98 3.58 2.31
C VAL C 314 -20.76 2.18 2.88
N TRP C 315 -19.88 2.09 3.85
CA TRP C 315 -19.66 0.82 4.58
C TRP C 315 -20.34 0.83 5.92
N ASP C 316 -20.82 -0.36 6.32
CA ASP C 316 -21.31 -0.67 7.65
C ASP C 316 -20.11 -1.17 8.51
N LEU C 317 -19.74 -0.39 9.48
CA LEU C 317 -18.63 -0.70 10.34
C LEU C 317 -19.02 -1.66 11.50
N GLU C 318 -20.28 -1.97 11.72
CA GLU C 318 -20.61 -2.92 12.82
C GLU C 318 -20.62 -4.35 12.30
N VAL C 319 -19.43 -4.91 12.06
CA VAL C 319 -19.26 -6.27 11.54
C VAL C 319 -18.12 -6.97 12.27
N GLU C 320 -18.17 -8.30 12.34
N LYS C 324 -14.54 -8.51 5.47
CA LYS C 324 -15.94 -8.97 5.50
C LYS C 324 -16.96 -7.79 5.56
N ALA C 325 -16.51 -6.54 5.45
CA ALA C 325 -17.43 -5.36 5.60
C ALA C 325 -18.35 -5.12 4.36
N LYS C 326 -19.65 -4.96 4.65
CA LYS C 326 -20.71 -4.82 3.63
C LYS C 326 -20.77 -3.35 3.15
N CYS C 327 -20.93 -3.17 1.83
CA CYS C 327 -20.85 -1.84 1.17
C CYS C 327 -22.00 -1.45 0.24
N THR C 328 -22.67 -0.33 0.47
CA THR C 328 -23.69 0.24 -0.45
C THR C 328 -23.03 1.30 -1.37
N THR C 329 -23.25 1.22 -2.69
N THR C 329 -23.30 1.21 -2.68
CA THR C 329 -22.71 2.21 -3.59
CA THR C 329 -22.82 2.15 -3.62
C THR C 329 -23.86 3.05 -4.20
C THR C 329 -24.01 3.05 -3.96
N LEU C 330 -23.77 4.36 -4.02
CA LEU C 330 -24.86 5.33 -4.24
C LEU C 330 -24.43 6.14 -5.46
N THR C 331 -25.25 6.07 -6.52
CA THR C 331 -25.01 6.79 -7.79
C THR C 331 -26.27 7.46 -8.30
N HIS C 332 -26.08 8.49 -9.11
CA HIS C 332 -27.22 9.17 -9.75
C HIS C 332 -26.70 9.60 -11.07
N HIS C 333 -27.54 9.48 -12.11
CA HIS C 333 -26.98 9.62 -13.47
C HIS C 333 -26.53 11.05 -13.77
N LYS C 334 -27.06 12.05 -13.06
CA LYS C 334 -26.54 13.44 -13.12
C LYS C 334 -25.33 13.85 -12.17
N CYS C 335 -24.86 12.91 -11.35
CA CYS C 335 -23.76 13.17 -10.43
C CYS C 335 -22.52 12.51 -10.97
N GLY C 336 -21.74 13.28 -11.72
CA GLY C 336 -20.52 12.78 -12.38
C GLY C 336 -19.24 13.47 -11.99
N ALA C 337 -19.30 14.50 -11.15
CA ALA C 337 -18.11 15.22 -10.77
C ALA C 337 -17.53 14.65 -9.49
N ALA C 338 -16.25 14.93 -9.24
CA ALA C 338 -15.56 14.37 -8.05
C ALA C 338 -16.26 14.85 -6.79
N ILE C 339 -16.46 13.93 -5.86
CA ILE C 339 -17.00 14.25 -4.52
C ILE C 339 -15.81 14.42 -3.58
N ARG C 340 -15.69 15.63 -3.01
CA ARG C 340 -14.56 15.99 -2.17
C ARG C 340 -14.72 15.54 -0.72
N GLN C 341 -15.94 15.59 -0.17
CA GLN C 341 -16.20 15.27 1.22
C GLN C 341 -17.68 14.98 1.32
N THR C 342 -18.01 14.27 2.38
CA THR C 342 -19.38 13.99 2.79
C THR C 342 -19.56 14.30 4.22
N SER C 343 -20.82 14.37 4.62
CA SER C 343 -21.19 14.63 6.02
C SER C 343 -22.60 14.01 6.33
N PHE C 344 -22.66 13.25 7.42
CA PHE C 344 -23.87 12.73 8.02
C PHE C 344 -24.43 13.71 9.02
N SER C 345 -25.74 13.84 9.00
CA SER C 345 -26.45 14.54 10.05
C SER C 345 -26.18 13.84 11.38
N ARG C 346 -26.41 14.54 12.49
CA ARG C 346 -26.13 14.00 13.81
C ARG C 346 -26.90 12.67 14.05
N ASP C 347 -28.13 12.62 13.58
CA ASP C 347 -28.95 11.38 13.69
C ASP C 347 -28.78 10.32 12.58
N SER C 348 -27.84 10.54 11.65
CA SER C 348 -27.52 9.64 10.55
C SER C 348 -28.65 9.39 9.54
N SER C 349 -29.66 10.25 9.60
CA SER C 349 -30.78 10.15 8.67
C SER C 349 -30.49 10.78 7.29
N ILE C 350 -29.51 11.69 7.23
CA ILE C 350 -29.16 12.39 5.95
C ILE C 350 -27.65 12.31 5.74
N LEU C 351 -27.25 12.09 4.50
CA LEU C 351 -25.89 12.09 4.09
C LEU C 351 -25.79 13.15 2.93
N ILE C 352 -24.93 14.17 3.10
CA ILE C 352 -24.64 15.16 2.07
C ILE C 352 -23.27 14.88 1.46
N ALA C 353 -23.16 15.04 0.12
CA ALA C 353 -21.89 14.99 -0.61
C ALA C 353 -21.72 16.22 -1.41
N VAL C 354 -20.50 16.74 -1.46
CA VAL C 354 -20.25 17.97 -2.23
C VAL C 354 -19.20 17.74 -3.29
N CYS C 355 -19.29 18.50 -4.36
CA CYS C 355 -18.54 18.23 -5.61
C CYS C 355 -17.77 19.37 -6.25
N ASP C 356 -16.86 18.96 -7.11
CA ASP C 356 -16.03 19.88 -7.89
C ASP C 356 -16.78 20.83 -8.84
N ASP C 357 -17.98 20.46 -9.25
CA ASP C 357 -18.82 21.30 -10.11
C ASP C 357 -19.79 22.19 -9.28
N ALA C 358 -19.49 22.42 -7.98
CA ALA C 358 -20.29 23.27 -7.06
C ALA C 358 -21.62 22.66 -6.67
N SER C 359 -21.80 21.38 -6.92
CA SER C 359 -23.08 20.74 -6.63
C SER C 359 -23.11 20.07 -5.24
N ILE C 360 -24.31 20.02 -4.66
CA ILE C 360 -24.59 19.44 -3.38
C ILE C 360 -25.66 18.35 -3.63
N TRP C 361 -25.42 17.18 -3.07
CA TRP C 361 -26.33 16.01 -3.19
C TRP C 361 -26.85 15.56 -1.86
N ARG C 362 -28.15 15.36 -1.73
CA ARG C 362 -28.71 14.87 -0.47
C ARG C 362 -29.22 13.46 -0.64
N TRP C 363 -28.81 12.60 0.30
CA TRP C 363 -29.18 11.20 0.33
C TRP C 363 -29.89 10.90 1.65
N ASP C 364 -31.15 10.47 1.59
CA ASP C 364 -31.91 10.17 2.80
C ASP C 364 -31.90 8.70 3.13
N ARG C 365 -31.66 8.36 4.40
CA ARG C 365 -31.57 6.96 4.77
C ARG C 365 -32.96 6.39 4.69
N LEU C 366 -33.12 5.22 4.06
CA LEU C 366 -34.42 4.49 4.01
C LEU C 366 -34.53 3.52 5.17
N ARG C 367 -35.69 3.52 5.81
N PRO D 1 0.72 12.93 -7.52
CA PRO D 1 -0.65 12.79 -8.07
C PRO D 1 -1.24 14.18 -8.31
N SER D 2 -2.33 14.29 -9.05
N SER D 2 -2.36 14.24 -9.02
N SER D 2 -2.32 14.29 -9.08
CA SER D 2 -2.96 15.58 -9.31
CA SER D 2 -3.03 15.50 -9.36
CA SER D 2 -2.96 15.59 -9.30
C SER D 2 -4.07 15.77 -8.29
C SER D 2 -4.08 15.75 -8.27
C SER D 2 -4.04 15.76 -8.25
N M3L D 3 -4.37 17.01 -7.96
CA M3L D 3 -5.51 17.31 -7.05
CB M3L D 3 -5.32 18.69 -6.42
CG M3L D 3 -6.39 19.06 -5.34
CD M3L D 3 -5.94 20.34 -4.65
CE M3L D 3 -7.04 20.72 -3.64
NZ M3L D 3 -6.82 21.91 -2.84
C M3L D 3 -6.80 17.23 -7.84
O M3L D 3 -7.91 17.04 -7.25
CM1 M3L D 3 -5.56 21.82 -2.10
CM2 M3L D 3 -7.95 22.01 -1.84
CM3 M3L D 3 -6.75 23.05 -3.82
N PHE D 4 -6.73 17.42 -9.16
CA PHE D 4 -7.89 17.60 -10.01
C PHE D 4 -7.80 16.59 -11.17
CD2 NLW D 5 -12.08 12.69 -13.28
CG NLW D 5 -10.60 13.12 -13.25
CD1 NLW D 5 -9.63 12.02 -12.79
CB NLW D 5 -10.50 14.45 -12.49
CA NLW D 5 -9.09 15.04 -12.51
N NLW D 5 -8.96 16.15 -11.59
C NLW D 5 -8.70 15.53 -13.86
O NLW D 5 -9.20 16.52 -14.34
NH2 NLW D 5 -7.73 14.85 -14.40
S SO4 E . -5.43 -38.28 9.15
O1 SO4 E . -4.59 -37.58 8.15
O2 SO4 E . -6.80 -37.71 9.11
O3 SO4 E . -5.47 -39.73 8.84
O4 SO4 E . -4.96 -38.17 10.56
UNK UNX F . 10.79 -15.07 -14.85
UNK UNX G . -4.83 -34.95 -10.17
UNK UNX H . 11.25 -17.38 -13.35
UNK UNX I . 38.72 -17.24 -17.42
UNK UNX J . 22.40 -33.50 -16.58
UNK UNX K . 30.79 -2.19 -20.32
UNK UNX L . -7.58 -13.10 1.98
UNK UNX M . 15.39 6.17 -7.89
UNK UNX N . 21.94 -35.74 -16.26
UNK UNX O . -1.20 -37.31 -9.54
UNK UNX P . 29.26 -2.09 -21.48
S SO4 Q . 5.31 31.96 19.45
O1 SO4 Q . 5.10 30.93 18.41
O2 SO4 Q . 5.15 33.27 18.74
O3 SO4 Q . 4.25 31.85 20.49
O4 SO4 Q . 6.63 31.83 20.11
UNK UNX R . -39.91 20.35 7.75
UNK UNX S . -42.22 14.30 4.49
UNK UNX T . -40.44 14.23 4.09
UNK UNX U . -44.72 13.37 4.40
UNK UNX V . -15.77 12.04 -0.11
UNK UNX W . -30.36 7.80 -11.35
UNK UNX X . -15.91 -0.36 -6.98
UNK UNX Y . -0.92 18.37 -7.07
UNK UNX Z . -13.93 12.09 -1.54
UNK UNX AA . -1.78 19.51 -8.61
UNK UNX BA . -3.28 19.08 -9.70
#